data_3HB1
#
_entry.id   3HB1
#
_cell.length_a   183.941
_cell.length_b   183.941
_cell.length_c   119.976
_cell.angle_alpha   90.00
_cell.angle_beta   90.00
_cell.angle_gamma   90.00
#
_symmetry.space_group_name_H-M   'I 4'
#
loop_
_entity.id
_entity.type
_entity.pdbx_description
1 polymer 'Eyes absent homolog 2 (Drosophila)'
2 non-polymer 'ALUMINUM FLUORIDE'
3 non-polymer 'MAGNESIUM ION'
4 water water
#
_entity_poly.entity_id   1
_entity_poly.type   'polypeptide(L)'
_entity_poly.pdbx_seq_one_letter_code
;SHMERVFVWDLDETIIIFHSLLTGTFASRYGKDTTTSVRIGLMMEEMIFNLADTHLFFNDLEDCDQIHVDDVSSDDNGQD
LSTYNFSADGFHSSAPAANLCLGSGVHGGVDWMRKLAFRYRRVKEMYNTYKNNVGGLIGTPKRETWLQLRAELEALTDLW
LTHSLKALNLINSRPNCVNVLVTTTQLIPALAKVLLYGLGSVFPIENIYSATKTGKESCFERIMQRFGRKAVYVVIGDGV
EEEQGAKKHNMPFWRISCHADLEALRHALELEYL
;
_entity_poly.pdbx_strand_id   A,B,C,D
#
loop_
_chem_comp.id
_chem_comp.type
_chem_comp.name
_chem_comp.formula
AF3 non-polymer 'ALUMINUM FLUORIDE' 'Al F3'
MG non-polymer 'MAGNESIUM ION' 'Mg 2'
#
# COMPACT_ATOMS: atom_id res chain seq x y z
N SER A 1 -24.40 -15.46 14.74
CA SER A 1 -24.08 -14.00 14.90
C SER A 1 -22.63 -13.70 14.53
N HIS A 2 -21.79 -14.73 14.65
CA HIS A 2 -20.36 -14.63 14.38
C HIS A 2 -19.94 -14.08 13.03
N MET A 3 -18.96 -13.18 13.05
CA MET A 3 -18.40 -12.61 11.83
C MET A 3 -17.58 -13.74 11.22
N GLU A 4 -17.52 -13.82 9.90
CA GLU A 4 -16.77 -14.89 9.28
C GLU A 4 -15.84 -14.43 8.18
N ARG A 5 -14.61 -14.94 8.25
CA ARG A 5 -13.56 -14.60 7.29
C ARG A 5 -13.29 -15.70 6.27
N VAL A 6 -13.03 -15.29 5.04
CA VAL A 6 -12.71 -16.21 3.96
C VAL A 6 -11.35 -15.79 3.39
N PHE A 7 -10.37 -16.67 3.53
CA PHE A 7 -9.02 -16.40 3.04
C PHE A 7 -8.78 -17.00 1.66
N VAL A 8 -8.62 -16.12 0.69
CA VAL A 8 -8.41 -16.54 -0.69
C VAL A 8 -6.93 -16.48 -1.04
N TRP A 9 -6.30 -17.65 -1.10
CA TRP A 9 -4.87 -17.74 -1.37
C TRP A 9 -4.42 -17.97 -2.79
N ASP A 10 -3.18 -17.55 -3.05
CA ASP A 10 -2.51 -17.80 -4.32
C ASP A 10 -1.60 -18.97 -3.91
N LEU A 11 -1.05 -19.71 -4.86
CA LEU A 11 -0.22 -20.85 -4.46
C LEU A 11 1.25 -20.62 -4.61
N ASP A 12 1.68 -20.48 -5.86
CA ASP A 12 3.13 -20.30 -6.17
C ASP A 12 3.74 -19.03 -5.60
N GLU A 13 4.85 -19.18 -4.89
CA GLU A 13 5.54 -18.06 -4.30
C GLU A 13 4.71 -17.32 -3.24
N THR A 14 3.61 -17.95 -2.84
CA THR A 14 2.78 -17.39 -1.77
C THR A 14 2.79 -18.45 -0.68
N ILE A 15 2.22 -19.62 -0.97
CA ILE A 15 2.20 -20.69 0.01
C ILE A 15 3.41 -21.58 -0.19
N ILE A 16 3.76 -21.84 -1.46
CA ILE A 16 4.92 -22.69 -1.75
C ILE A 16 5.98 -22.01 -2.63
N ILE A 17 7.16 -22.61 -2.63
CA ILE A 17 8.25 -22.13 -3.46
C ILE A 17 8.50 -23.25 -4.47
N PHE A 18 8.29 -22.94 -5.74
CA PHE A 18 8.49 -23.94 -6.77
C PHE A 18 8.99 -23.30 -8.07
N HIS A 19 8.16 -22.47 -8.68
CA HIS A 19 8.57 -21.81 -9.92
C HIS A 19 9.84 -21.00 -9.72
N SER A 20 9.91 -20.23 -8.62
CA SER A 20 11.08 -19.40 -8.36
C SER A 20 12.36 -20.21 -8.12
N LEU A 21 12.26 -21.54 -8.08
CA LEU A 21 13.44 -22.38 -7.91
C LEU A 21 14.06 -22.59 -9.30
N LEU A 22 13.20 -22.62 -10.31
CA LEU A 22 13.62 -22.83 -11.68
C LEU A 22 14.16 -21.57 -12.34
N THR A 23 13.67 -20.40 -11.90
CA THR A 23 14.10 -19.12 -12.46
C THR A 23 15.35 -18.53 -11.82
N GLY A 24 15.70 -19.02 -10.65
CA GLY A 24 16.88 -18.54 -9.94
C GLY A 24 16.56 -17.32 -9.10
N THR A 25 15.30 -16.91 -9.12
CA THR A 25 14.85 -15.75 -8.36
C THR A 25 14.99 -15.94 -6.85
N PHE A 26 14.61 -17.11 -6.35
CA PHE A 26 14.71 -17.36 -4.93
C PHE A 26 16.18 -17.46 -4.54
N ALA A 27 16.90 -18.40 -5.15
CA ALA A 27 18.32 -18.59 -4.84
C ALA A 27 19.04 -17.25 -4.90
N SER A 28 18.68 -16.42 -5.87
CA SER A 28 19.32 -15.13 -6.00
C SER A 28 18.92 -14.19 -4.87
N ARG A 29 17.62 -14.08 -4.60
CA ARG A 29 17.16 -13.18 -3.56
C ARG A 29 17.59 -13.55 -2.15
N TYR A 30 17.76 -14.84 -1.88
CA TYR A 30 18.15 -15.23 -0.53
C TYR A 30 19.54 -15.85 -0.43
N GLY A 31 20.38 -15.57 -1.42
CA GLY A 31 21.74 -16.07 -1.42
C GLY A 31 21.89 -17.56 -1.28
N LYS A 32 21.28 -18.31 -2.19
CA LYS A 32 21.36 -19.77 -2.19
C LYS A 32 22.06 -20.19 -3.47
N ASP A 33 22.52 -21.43 -3.51
CA ASP A 33 23.21 -21.91 -4.69
C ASP A 33 22.18 -22.07 -5.80
N THR A 34 22.43 -21.42 -6.94
CA THR A 34 21.51 -21.48 -8.07
C THR A 34 21.43 -22.88 -8.67
N THR A 35 22.55 -23.57 -8.73
CA THR A 35 22.57 -24.90 -9.30
C THR A 35 21.73 -25.92 -8.52
N THR A 36 21.78 -25.85 -7.19
CA THR A 36 21.01 -26.74 -6.35
C THR A 36 19.54 -26.38 -6.50
N SER A 37 19.27 -25.09 -6.50
CA SER A 37 17.90 -24.59 -6.65
C SER A 37 17.22 -25.19 -7.88
N VAL A 38 17.90 -25.12 -9.02
CA VAL A 38 17.32 -25.63 -10.26
C VAL A 38 17.16 -27.14 -10.20
N ARG A 39 18.12 -27.81 -9.60
CA ARG A 39 18.05 -29.26 -9.47
C ARG A 39 16.82 -29.62 -8.65
N ILE A 40 16.67 -28.99 -7.49
CA ILE A 40 15.53 -29.23 -6.62
C ILE A 40 14.24 -28.87 -7.38
N GLY A 41 14.24 -27.73 -8.06
CA GLY A 41 13.07 -27.32 -8.80
C GLY A 41 12.59 -28.30 -9.85
N LEU A 42 13.51 -28.88 -10.60
CA LEU A 42 13.17 -29.83 -11.65
C LEU A 42 12.73 -31.20 -11.12
N MET A 43 13.22 -31.57 -9.94
CA MET A 43 12.84 -32.84 -9.37
C MET A 43 11.39 -32.76 -8.93
N MET A 44 11.01 -31.66 -8.28
CA MET A 44 9.61 -31.48 -7.84
C MET A 44 8.73 -31.47 -9.07
N GLU A 45 9.14 -30.72 -10.07
CA GLU A 45 8.36 -30.66 -11.29
C GLU A 45 8.10 -32.08 -11.81
N GLU A 46 9.14 -32.91 -11.83
CA GLU A 46 8.99 -34.28 -12.30
C GLU A 46 7.98 -35.01 -11.42
N MET A 47 8.10 -34.86 -10.11
CA MET A 47 7.19 -35.53 -9.19
C MET A 47 5.78 -35.03 -9.29
N ILE A 48 5.63 -33.75 -9.53
CA ILE A 48 4.30 -33.18 -9.67
C ILE A 48 3.55 -33.82 -10.84
N PHE A 49 4.15 -33.77 -12.02
CA PHE A 49 3.51 -34.31 -13.21
C PHE A 49 3.46 -35.82 -13.29
N ASN A 50 4.40 -36.49 -12.65
CA ASN A 50 4.38 -37.92 -12.65
C ASN A 50 3.16 -38.35 -11.83
N LEU A 51 2.94 -37.67 -10.71
CA LEU A 51 1.77 -37.96 -9.86
C LEU A 51 0.51 -37.63 -10.66
N ALA A 52 0.52 -36.46 -11.30
CA ALA A 52 -0.61 -35.99 -12.09
C ALA A 52 -1.00 -36.98 -13.17
N ASP A 53 -0.02 -37.40 -13.98
CA ASP A 53 -0.29 -38.34 -15.07
C ASP A 53 -0.64 -39.72 -14.54
N THR A 54 0.15 -40.21 -13.60
CA THR A 54 -0.03 -41.53 -13.04
C THR A 54 -1.28 -41.79 -12.20
N HIS A 55 -1.67 -40.83 -11.36
CA HIS A 55 -2.84 -41.06 -10.52
C HIS A 55 -4.03 -40.15 -10.74
N LEU A 56 -3.81 -38.97 -11.33
CA LEU A 56 -4.90 -38.03 -11.51
C LEU A 56 -5.40 -37.86 -12.95
N PHE A 57 -5.28 -38.91 -13.75
CA PHE A 57 -5.77 -38.88 -15.13
C PHE A 57 -5.39 -37.61 -15.85
N PHE A 58 -4.20 -37.09 -15.62
CA PHE A 58 -3.82 -35.85 -16.25
C PHE A 58 -3.75 -35.90 -17.77
N ASN A 59 -3.29 -37.02 -18.31
CA ASN A 59 -3.20 -37.10 -19.74
C ASN A 59 -4.58 -37.00 -20.39
N ASP A 60 -5.61 -37.36 -19.63
CA ASP A 60 -6.99 -37.31 -20.11
C ASP A 60 -7.63 -35.94 -19.86
N LEU A 61 -7.60 -35.51 -18.60
CA LEU A 61 -8.21 -34.26 -18.16
C LEU A 61 -7.54 -32.94 -18.51
N GLU A 62 -6.28 -32.99 -18.92
CA GLU A 62 -5.57 -31.77 -19.24
C GLU A 62 -6.27 -30.81 -20.19
N ASP A 63 -6.76 -31.33 -21.32
CA ASP A 63 -7.42 -30.50 -22.31
C ASP A 63 -8.82 -30.02 -21.94
N CYS A 64 -9.30 -30.37 -20.75
CA CYS A 64 -10.64 -29.95 -20.34
C CYS A 64 -10.65 -28.61 -19.60
N ASP A 65 -9.46 -28.17 -19.19
CA ASP A 65 -9.30 -26.88 -18.51
C ASP A 65 -10.45 -26.54 -17.55
N GLN A 66 -10.75 -27.47 -16.65
CA GLN A 66 -11.81 -27.27 -15.69
C GLN A 66 -11.38 -26.40 -14.51
N ILE A 67 -12.35 -25.74 -13.91
CA ILE A 67 -12.12 -24.85 -12.78
C ILE A 67 -12.19 -25.49 -11.39
N HIS A 68 -13.25 -26.23 -11.14
CA HIS A 68 -13.45 -26.86 -9.84
C HIS A 68 -13.76 -28.34 -10.08
N VAL A 69 -13.32 -29.23 -9.19
CA VAL A 69 -13.58 -30.66 -9.38
C VAL A 69 -15.06 -31.02 -9.60
N ASP A 70 -15.95 -30.35 -8.89
CA ASP A 70 -17.37 -30.65 -9.01
C ASP A 70 -18.11 -29.99 -10.18
N ASP A 71 -17.38 -29.33 -11.08
CA ASP A 71 -18.02 -28.67 -12.22
C ASP A 71 -18.85 -29.53 -13.16
N VAL A 72 -18.58 -30.83 -13.22
CA VAL A 72 -19.35 -31.69 -14.10
C VAL A 72 -20.08 -32.77 -13.33
N SER A 73 -20.42 -32.49 -12.08
CA SER A 73 -21.10 -33.46 -11.25
C SER A 73 -22.55 -33.76 -11.65
N SER A 74 -23.03 -33.07 -12.70
CA SER A 74 -24.39 -33.28 -13.21
C SER A 74 -24.46 -34.68 -13.79
N ASP A 75 -23.40 -35.01 -14.54
CA ASP A 75 -23.26 -36.28 -15.24
C ASP A 75 -22.65 -37.43 -14.41
N ASP A 76 -22.65 -37.28 -13.09
CA ASP A 76 -22.11 -38.33 -12.25
C ASP A 76 -23.28 -39.14 -11.70
N ASN A 77 -23.27 -40.45 -11.96
CA ASN A 77 -24.36 -41.30 -11.48
C ASN A 77 -24.15 -41.78 -10.05
N GLY A 78 -22.97 -41.54 -9.50
CA GLY A 78 -22.69 -41.92 -8.13
C GLY A 78 -22.34 -43.37 -7.86
N GLN A 79 -22.03 -44.15 -8.89
CA GLN A 79 -21.69 -45.57 -8.69
C GLN A 79 -20.32 -45.70 -8.01
N ASP A 80 -19.96 -46.92 -7.64
CA ASP A 80 -18.67 -47.18 -7.00
C ASP A 80 -17.58 -47.30 -8.08
N LEU A 81 -16.55 -46.47 -7.97
CA LEU A 81 -15.45 -46.49 -8.94
C LEU A 81 -14.29 -47.36 -8.46
N SER A 82 -14.49 -48.07 -7.35
CA SER A 82 -13.46 -48.96 -6.78
C SER A 82 -13.00 -49.99 -7.80
N THR A 83 -13.96 -50.63 -8.45
CA THR A 83 -13.68 -51.67 -9.45
C THR A 83 -13.77 -51.17 -10.90
N TYR A 84 -14.15 -49.91 -11.06
CA TYR A 84 -14.30 -49.33 -12.39
C TYR A 84 -12.96 -49.25 -13.14
N ASN A 85 -12.96 -49.68 -14.39
CA ASN A 85 -11.75 -49.66 -15.20
C ASN A 85 -11.66 -48.50 -16.17
N PHE A 86 -11.06 -47.41 -15.71
CA PHE A 86 -10.92 -46.20 -16.51
C PHE A 86 -10.12 -46.37 -17.79
N SER A 87 -9.03 -47.13 -17.72
CA SER A 87 -8.15 -47.34 -18.87
C SER A 87 -8.88 -47.87 -20.08
N ALA A 88 -9.63 -48.95 -19.89
CA ALA A 88 -10.35 -49.55 -20.98
C ALA A 88 -11.82 -49.18 -20.98
N ASP A 89 -12.13 -47.89 -21.01
CA ASP A 89 -13.52 -47.47 -21.05
C ASP A 89 -13.73 -46.53 -22.24
N GLY A 90 -12.72 -46.52 -23.13
CA GLY A 90 -12.76 -45.71 -24.33
C GLY A 90 -13.05 -44.24 -24.11
N PHE A 91 -12.01 -43.48 -23.78
CA PHE A 91 -12.16 -42.06 -23.52
C PHE A 91 -11.19 -41.20 -24.36
N GLY A 108 -17.83 -37.55 -28.98
CA GLY A 108 -18.75 -37.82 -27.85
C GLY A 108 -19.04 -36.56 -27.05
N GLY A 109 -20.11 -36.59 -26.25
CA GLY A 109 -20.45 -35.41 -25.45
C GLY A 109 -21.60 -35.52 -24.46
N VAL A 110 -22.09 -36.73 -24.21
CA VAL A 110 -23.19 -36.94 -23.25
C VAL A 110 -22.97 -38.24 -22.49
N ASP A 111 -22.39 -39.20 -23.21
CA ASP A 111 -22.05 -40.53 -22.71
C ASP A 111 -20.57 -40.36 -22.32
N TRP A 112 -20.00 -39.30 -22.87
CA TRP A 112 -18.62 -38.91 -22.67
C TRP A 112 -18.55 -38.07 -21.40
N MET A 113 -19.59 -37.29 -21.17
CA MET A 113 -19.67 -36.43 -20.00
C MET A 113 -19.71 -37.23 -18.71
N ARG A 114 -20.30 -38.42 -18.75
CA ARG A 114 -20.39 -39.23 -17.54
C ARG A 114 -19.00 -39.77 -17.21
N LYS A 115 -18.26 -40.13 -18.25
CA LYS A 115 -16.91 -40.68 -18.10
C LYS A 115 -15.92 -39.63 -17.60
N LEU A 116 -16.18 -38.36 -17.93
CA LEU A 116 -15.36 -37.26 -17.49
C LEU A 116 -15.61 -37.06 -16.00
N ALA A 117 -16.88 -36.92 -15.64
CA ALA A 117 -17.30 -36.73 -14.27
C ALA A 117 -16.74 -37.85 -13.37
N PHE A 118 -16.64 -39.06 -13.94
CA PHE A 118 -16.12 -40.19 -13.19
C PHE A 118 -14.66 -40.00 -12.82
N ARG A 119 -13.88 -39.43 -13.74
CA ARG A 119 -12.48 -39.20 -13.48
C ARG A 119 -12.27 -38.10 -12.44
N TYR A 120 -13.00 -36.99 -12.58
CA TYR A 120 -12.86 -35.92 -11.62
C TYR A 120 -13.26 -36.38 -10.23
N ARG A 121 -14.27 -37.25 -10.15
CA ARG A 121 -14.67 -37.74 -8.83
C ARG A 121 -13.65 -38.72 -8.26
N ARG A 122 -13.07 -39.55 -9.11
CA ARG A 122 -12.05 -40.50 -8.64
C ARG A 122 -10.84 -39.67 -8.16
N VAL A 123 -10.57 -38.57 -8.85
CA VAL A 123 -9.48 -37.70 -8.45
C VAL A 123 -9.81 -37.21 -7.05
N LYS A 124 -11.02 -36.69 -6.88
CA LYS A 124 -11.46 -36.21 -5.57
C LYS A 124 -11.31 -37.29 -4.50
N GLU A 125 -11.64 -38.54 -4.84
CA GLU A 125 -11.54 -39.64 -3.89
C GLU A 125 -10.08 -39.89 -3.51
N MET A 126 -9.20 -39.89 -4.52
CA MET A 126 -7.75 -40.10 -4.31
C MET A 126 -7.21 -39.07 -3.34
N TYR A 127 -7.61 -37.83 -3.58
CA TYR A 127 -7.20 -36.68 -2.81
C TYR A 127 -7.62 -36.83 -1.36
N ASN A 128 -8.89 -37.15 -1.14
CA ASN A 128 -9.34 -37.28 0.23
C ASN A 128 -8.79 -38.46 0.97
N THR A 129 -8.54 -39.57 0.29
CA THR A 129 -8.03 -40.73 1.01
C THR A 129 -6.51 -40.67 1.16
N TYR A 130 -5.84 -39.88 0.33
CA TYR A 130 -4.39 -39.78 0.43
C TYR A 130 -3.84 -38.44 0.89
N LYS A 131 -4.71 -37.46 1.10
CA LYS A 131 -4.23 -36.13 1.52
C LYS A 131 -3.30 -36.19 2.73
N ASN A 132 -3.47 -37.18 3.59
CA ASN A 132 -2.59 -37.30 4.75
C ASN A 132 -1.75 -38.56 4.69
N ASN A 133 -1.60 -39.09 3.49
CA ASN A 133 -0.81 -40.29 3.27
C ASN A 133 -0.35 -40.27 1.84
N VAL A 134 0.31 -39.19 1.47
CA VAL A 134 0.79 -39.03 0.12
C VAL A 134 1.84 -40.10 -0.23
N GLY A 135 2.62 -40.51 0.75
CA GLY A 135 3.63 -41.52 0.49
C GLY A 135 2.96 -42.84 0.14
N GLY A 136 1.74 -43.01 0.63
CA GLY A 136 0.99 -44.22 0.35
C GLY A 136 0.49 -44.18 -1.08
N LEU A 137 0.15 -43.00 -1.55
CA LEU A 137 -0.33 -42.82 -2.91
C LEU A 137 0.76 -43.04 -3.96
N ILE A 138 1.86 -42.31 -3.85
CA ILE A 138 2.93 -42.44 -4.82
C ILE A 138 3.72 -43.73 -4.60
N GLY A 139 3.51 -44.36 -3.45
CA GLY A 139 4.21 -45.61 -3.14
C GLY A 139 5.72 -45.50 -3.07
N THR A 140 6.37 -46.59 -2.68
CA THR A 140 7.83 -46.63 -2.59
C THR A 140 8.39 -47.07 -3.96
N PRO A 141 9.60 -46.65 -4.33
CA PRO A 141 10.62 -45.82 -3.69
C PRO A 141 10.42 -44.31 -3.83
N LYS A 142 9.40 -43.88 -4.56
CA LYS A 142 9.15 -42.46 -4.75
C LYS A 142 8.93 -41.73 -3.42
N ARG A 143 8.28 -42.39 -2.47
CA ARG A 143 8.01 -41.77 -1.17
C ARG A 143 9.27 -41.23 -0.49
N GLU A 144 10.33 -42.02 -0.53
CA GLU A 144 11.59 -41.63 0.12
C GLU A 144 12.28 -40.50 -0.62
N THR A 145 12.23 -40.55 -1.95
CA THR A 145 12.82 -39.51 -2.79
C THR A 145 12.12 -38.18 -2.46
N TRP A 146 10.82 -38.29 -2.25
CA TRP A 146 9.95 -37.15 -1.93
C TRP A 146 10.27 -36.55 -0.58
N LEU A 147 10.39 -37.40 0.44
CA LEU A 147 10.71 -36.92 1.78
C LEU A 147 12.08 -36.23 1.82
N GLN A 148 13.01 -36.73 1.02
CA GLN A 148 14.35 -36.15 0.94
C GLN A 148 14.31 -34.85 0.16
N LEU A 149 13.48 -34.83 -0.87
CA LEU A 149 13.36 -33.65 -1.69
C LEU A 149 12.75 -32.55 -0.85
N ARG A 150 11.66 -32.89 -0.18
CA ARG A 150 10.96 -31.94 0.68
C ARG A 150 11.90 -31.35 1.72
N ALA A 151 12.83 -32.16 2.20
CA ALA A 151 13.80 -31.74 3.21
C ALA A 151 14.84 -30.83 2.59
N GLU A 152 15.29 -31.16 1.39
CA GLU A 152 16.26 -30.32 0.71
C GLU A 152 15.61 -28.97 0.46
N LEU A 153 14.39 -29.01 -0.06
CA LEU A 153 13.67 -27.81 -0.38
C LEU A 153 13.41 -26.95 0.86
N GLU A 154 12.98 -27.57 1.94
CA GLU A 154 12.70 -26.81 3.14
C GLU A 154 13.94 -26.05 3.65
N ALA A 155 15.11 -26.64 3.47
CA ALA A 155 16.36 -26.03 3.91
C ALA A 155 16.76 -24.86 3.02
N LEU A 156 16.67 -25.05 1.71
CA LEU A 156 17.05 -24.00 0.78
C LEU A 156 16.10 -22.82 0.82
N THR A 157 14.85 -23.06 1.19
CA THR A 157 13.84 -22.01 1.24
C THR A 157 13.73 -21.41 2.64
N ASP A 158 14.65 -21.81 3.50
CA ASP A 158 14.66 -21.33 4.86
C ASP A 158 13.31 -21.45 5.54
N LEU A 159 12.74 -22.64 5.44
CA LEU A 159 11.46 -22.94 6.07
C LEU A 159 10.25 -22.14 5.58
N TRP A 160 10.23 -21.76 4.30
CA TRP A 160 9.10 -20.99 3.81
C TRP A 160 7.76 -21.71 4.08
N LEU A 161 7.63 -22.94 3.60
CA LEU A 161 6.42 -23.74 3.78
C LEU A 161 6.03 -23.87 5.26
N THR A 162 7.04 -23.95 6.11
CA THR A 162 6.80 -24.03 7.54
C THR A 162 6.05 -22.77 7.95
N HIS A 163 6.41 -21.64 7.34
CA HIS A 163 5.75 -20.38 7.68
C HIS A 163 4.33 -20.28 7.17
N SER A 164 4.12 -20.59 5.90
CA SER A 164 2.79 -20.51 5.32
C SER A 164 1.84 -21.46 6.02
N LEU A 165 2.32 -22.66 6.37
CA LEU A 165 1.46 -23.62 7.06
C LEU A 165 0.98 -23.15 8.43
N LYS A 166 1.81 -22.42 9.17
CA LYS A 166 1.39 -21.94 10.49
C LYS A 166 0.14 -21.08 10.36
N ALA A 167 0.08 -20.29 9.29
CA ALA A 167 -1.06 -19.42 9.02
C ALA A 167 -2.23 -20.26 8.53
N LEU A 168 -1.97 -21.16 7.59
CA LEU A 168 -3.01 -22.03 7.06
C LEU A 168 -3.66 -22.89 8.15
N ASN A 169 -2.86 -23.38 9.07
CA ASN A 169 -3.38 -24.21 10.15
C ASN A 169 -4.16 -23.43 11.18
N LEU A 170 -3.79 -22.16 11.37
CA LEU A 170 -4.50 -21.34 12.33
C LEU A 170 -5.89 -21.05 11.75
N ILE A 171 -5.94 -20.76 10.45
CA ILE A 171 -7.19 -20.49 9.78
C ILE A 171 -8.08 -21.73 9.85
N ASN A 172 -7.47 -22.88 9.59
CA ASN A 172 -8.18 -24.15 9.60
C ASN A 172 -8.81 -24.38 10.96
N SER A 173 -7.99 -24.37 11.99
CA SER A 173 -8.49 -24.61 13.33
C SER A 173 -9.52 -23.56 13.75
N ARG A 174 -9.36 -22.31 13.31
CA ARG A 174 -10.32 -21.31 13.68
C ARG A 174 -11.67 -21.61 13.05
N PRO A 175 -12.72 -21.62 13.89
CA PRO A 175 -14.13 -21.89 13.57
C PRO A 175 -14.79 -21.00 12.56
N ASN A 176 -14.52 -19.71 12.62
CA ASN A 176 -15.17 -18.81 11.68
C ASN A 176 -14.29 -18.32 10.54
N CYS A 177 -13.27 -19.12 10.26
CA CYS A 177 -12.32 -18.83 9.20
C CYS A 177 -12.26 -20.00 8.25
N VAL A 178 -12.12 -19.68 6.97
CA VAL A 178 -12.08 -20.68 5.90
C VAL A 178 -10.90 -20.45 4.94
N ASN A 179 -10.36 -21.56 4.43
CA ASN A 179 -9.25 -21.52 3.48
C ASN A 179 -9.69 -21.80 2.05
N VAL A 180 -9.41 -20.88 1.13
CA VAL A 180 -9.74 -21.08 -0.27
C VAL A 180 -8.49 -20.88 -1.11
N LEU A 181 -8.36 -21.63 -2.19
CA LEU A 181 -7.20 -21.53 -3.06
C LEU A 181 -7.57 -21.15 -4.48
N VAL A 182 -6.94 -20.12 -5.04
CA VAL A 182 -7.18 -19.71 -6.41
C VAL A 182 -5.82 -19.64 -7.09
N THR A 183 -5.56 -20.59 -7.98
CA THR A 183 -4.27 -20.62 -8.65
C THR A 183 -4.43 -20.67 -10.16
N THR A 184 -3.48 -20.04 -10.86
CA THR A 184 -3.51 -20.03 -12.32
C THR A 184 -3.04 -21.38 -12.86
N THR A 185 -2.54 -22.22 -11.96
CA THR A 185 -2.08 -23.55 -12.32
C THR A 185 -3.32 -24.33 -12.74
N GLN A 186 -3.18 -25.25 -13.69
CA GLN A 186 -4.33 -26.04 -14.14
C GLN A 186 -4.79 -26.84 -12.92
N LEU A 187 -6.06 -27.25 -12.93
CA LEU A 187 -6.61 -27.97 -11.79
C LEU A 187 -5.90 -29.25 -11.36
N ILE A 188 -5.81 -30.26 -12.23
CA ILE A 188 -5.15 -31.49 -11.82
C ILE A 188 -3.72 -31.25 -11.33
N PRO A 189 -2.91 -30.51 -12.09
CA PRO A 189 -1.54 -30.27 -11.64
C PRO A 189 -1.54 -29.54 -10.29
N ALA A 190 -2.46 -28.60 -10.11
CA ALA A 190 -2.56 -27.86 -8.86
C ALA A 190 -2.85 -28.80 -7.69
N LEU A 191 -3.64 -29.83 -7.91
CA LEU A 191 -3.93 -30.76 -6.83
C LEU A 191 -2.69 -31.59 -6.49
N ALA A 192 -1.92 -31.92 -7.51
CA ALA A 192 -0.71 -32.70 -7.32
C ALA A 192 0.26 -31.91 -6.46
N LYS A 193 0.37 -30.61 -6.75
CA LYS A 193 1.26 -29.72 -5.98
C LYS A 193 0.82 -29.70 -4.52
N VAL A 194 -0.46 -29.39 -4.32
CA VAL A 194 -1.04 -29.32 -3.00
C VAL A 194 -0.73 -30.58 -2.19
N LEU A 195 -0.85 -31.72 -2.84
CA LEU A 195 -0.59 -32.98 -2.17
C LEU A 195 0.89 -33.14 -1.84
N LEU A 196 1.75 -32.92 -2.83
CA LEU A 196 3.19 -33.08 -2.65
C LEU A 196 3.80 -32.08 -1.65
N TYR A 197 3.14 -30.94 -1.48
CA TYR A 197 3.62 -29.93 -0.55
C TYR A 197 2.91 -30.03 0.80
N GLY A 198 2.23 -31.15 1.02
CA GLY A 198 1.53 -31.40 2.26
C GLY A 198 0.39 -30.46 2.60
N LEU A 199 -0.29 -29.94 1.60
CA LEU A 199 -1.40 -29.02 1.83
C LEU A 199 -2.78 -29.67 1.71
N GLY A 200 -2.80 -30.96 1.40
CA GLY A 200 -4.06 -31.67 1.27
C GLY A 200 -4.98 -31.55 2.48
N SER A 201 -4.38 -31.67 3.66
CA SER A 201 -5.11 -31.62 4.93
C SER A 201 -5.69 -30.25 5.28
N VAL A 202 -5.01 -29.19 4.84
CA VAL A 202 -5.46 -27.84 5.15
C VAL A 202 -6.46 -27.27 4.14
N PHE A 203 -6.44 -27.79 2.92
CA PHE A 203 -7.35 -27.33 1.88
C PHE A 203 -8.42 -28.34 1.49
N PRO A 204 -9.69 -28.06 1.82
CA PRO A 204 -10.71 -29.03 1.41
C PRO A 204 -10.77 -28.93 -0.11
N ILE A 205 -10.77 -30.07 -0.80
CA ILE A 205 -10.74 -30.05 -2.26
C ILE A 205 -11.81 -29.20 -2.94
N GLU A 206 -12.97 -29.04 -2.30
CA GLU A 206 -14.03 -28.24 -2.91
C GLU A 206 -13.70 -26.76 -2.78
N ASN A 207 -12.53 -26.46 -2.24
CA ASN A 207 -12.10 -25.07 -2.06
C ASN A 207 -10.95 -24.64 -2.98
N ILE A 208 -10.57 -25.52 -3.91
CA ILE A 208 -9.50 -25.22 -4.86
C ILE A 208 -10.13 -24.76 -6.18
N TYR A 209 -9.63 -23.65 -6.72
CA TYR A 209 -10.13 -23.12 -7.99
C TYR A 209 -8.97 -22.84 -8.94
N SER A 210 -9.12 -23.28 -10.18
CA SER A 210 -8.10 -23.08 -11.21
C SER A 210 -8.53 -21.92 -12.10
N ALA A 211 -7.79 -20.81 -12.02
CA ALA A 211 -8.10 -19.63 -12.80
C ALA A 211 -7.39 -19.60 -14.14
N THR A 212 -6.93 -20.75 -14.61
CA THR A 212 -6.21 -20.84 -15.88
C THR A 212 -7.10 -20.36 -17.02
N LYS A 213 -8.37 -20.76 -16.96
CA LYS A 213 -9.35 -20.41 -17.97
C LYS A 213 -10.03 -19.05 -17.76
N THR A 214 -10.95 -19.01 -16.80
CA THR A 214 -11.74 -17.82 -16.49
C THR A 214 -11.05 -16.55 -16.01
N GLY A 215 -9.91 -16.69 -15.35
CA GLY A 215 -9.25 -15.49 -14.84
C GLY A 215 -9.54 -15.46 -13.36
N LYS A 216 -8.73 -14.73 -12.60
CA LYS A 216 -8.93 -14.70 -11.17
C LYS A 216 -10.10 -13.92 -10.64
N GLU A 217 -10.41 -12.77 -11.24
CA GLU A 217 -11.54 -12.01 -10.72
C GLU A 217 -12.86 -12.76 -10.93
N SER A 218 -12.87 -13.69 -11.90
CA SER A 218 -14.06 -14.49 -12.13
C SER A 218 -14.22 -15.43 -10.95
N CYS A 219 -13.13 -16.13 -10.64
CA CYS A 219 -13.12 -17.07 -9.52
C CYS A 219 -13.44 -16.34 -8.23
N PHE A 220 -12.92 -15.13 -8.08
CA PHE A 220 -13.16 -14.33 -6.87
C PHE A 220 -14.63 -14.00 -6.72
N GLU A 221 -15.22 -13.56 -7.81
CA GLU A 221 -16.64 -13.21 -7.83
C GLU A 221 -17.46 -14.45 -7.47
N ARG A 222 -17.13 -15.57 -8.11
CA ARG A 222 -17.79 -16.84 -7.86
C ARG A 222 -17.67 -17.27 -6.41
N ILE A 223 -16.51 -17.04 -5.82
CA ILE A 223 -16.28 -17.40 -4.43
C ILE A 223 -17.13 -16.54 -3.50
N MET A 224 -17.26 -15.25 -3.83
CA MET A 224 -18.07 -14.36 -3.02
C MET A 224 -19.53 -14.81 -3.18
N GLN A 225 -19.86 -15.19 -4.41
CA GLN A 225 -21.19 -15.68 -4.76
C GLN A 225 -21.50 -16.84 -3.82
N ARG A 226 -20.51 -17.72 -3.65
CA ARG A 226 -20.65 -18.90 -2.80
C ARG A 226 -20.72 -18.66 -1.30
N PHE A 227 -19.88 -17.76 -0.79
CA PHE A 227 -19.87 -17.53 0.65
C PHE A 227 -20.72 -16.36 1.16
N GLY A 228 -21.28 -15.57 0.27
CA GLY A 228 -22.12 -14.48 0.71
C GLY A 228 -21.44 -13.14 0.88
N ARG A 229 -22.25 -12.10 1.07
CA ARG A 229 -21.74 -10.75 1.22
C ARG A 229 -21.36 -10.39 2.65
N LYS A 230 -21.93 -11.11 3.61
CA LYS A 230 -21.63 -10.84 5.02
C LYS A 230 -20.24 -11.34 5.44
N ALA A 231 -19.59 -12.09 4.57
CA ALA A 231 -18.26 -12.62 4.89
C ALA A 231 -17.18 -11.60 4.54
N VAL A 232 -16.10 -11.61 5.30
CA VAL A 232 -14.98 -10.70 5.02
C VAL A 232 -13.90 -11.50 4.30
N TYR A 233 -13.70 -11.14 3.03
CA TYR A 233 -12.74 -11.80 2.17
C TYR A 233 -11.38 -11.13 2.23
N VAL A 234 -10.34 -11.96 2.34
CA VAL A 234 -8.97 -11.48 2.37
C VAL A 234 -8.21 -12.17 1.24
N VAL A 235 -7.76 -11.38 0.27
CA VAL A 235 -7.00 -11.93 -0.84
C VAL A 235 -5.53 -11.89 -0.48
N ILE A 236 -4.92 -13.07 -0.41
CA ILE A 236 -3.52 -13.24 -0.06
C ILE A 236 -2.72 -13.71 -1.27
N GLY A 237 -1.64 -12.99 -1.57
CA GLY A 237 -0.83 -13.39 -2.70
C GLY A 237 0.37 -12.50 -2.97
N ASP A 238 1.26 -13.01 -3.82
CA ASP A 238 2.47 -12.30 -4.20
C ASP A 238 2.36 -11.62 -5.56
N GLY A 239 1.43 -12.07 -6.41
CA GLY A 239 1.28 -11.51 -7.74
C GLY A 239 0.23 -10.44 -8.00
N VAL A 240 0.34 -9.80 -9.16
CA VAL A 240 -0.57 -8.73 -9.58
C VAL A 240 -1.99 -9.15 -9.92
N GLU A 241 -2.14 -10.25 -10.65
CA GLU A 241 -3.47 -10.71 -11.06
C GLU A 241 -4.39 -10.78 -9.88
N GLU A 242 -3.88 -11.41 -8.84
CA GLU A 242 -4.56 -11.63 -7.57
C GLU A 242 -4.92 -10.30 -6.92
N GLU A 243 -3.94 -9.39 -6.91
CA GLU A 243 -4.11 -8.08 -6.30
C GLU A 243 -5.08 -7.18 -7.07
N GLN A 244 -4.98 -7.22 -8.39
CA GLN A 244 -5.83 -6.45 -9.27
C GLN A 244 -7.28 -6.92 -9.14
N GLY A 245 -7.47 -8.24 -9.07
CA GLY A 245 -8.80 -8.80 -8.92
C GLY A 245 -9.41 -8.44 -7.57
N ALA A 246 -8.57 -8.27 -6.57
CA ALA A 246 -9.03 -7.89 -5.24
C ALA A 246 -9.59 -6.47 -5.28
N LYS A 247 -8.99 -5.65 -6.14
CA LYS A 247 -9.44 -4.27 -6.31
C LYS A 247 -10.79 -4.22 -6.98
N LYS A 248 -10.93 -4.90 -8.11
CA LYS A 248 -12.21 -4.92 -8.82
C LYS A 248 -13.33 -5.11 -7.80
N HIS A 249 -13.23 -6.17 -7.01
CA HIS A 249 -14.25 -6.48 -6.02
C HIS A 249 -14.09 -5.86 -4.64
N ASN A 250 -13.21 -4.87 -4.54
CA ASN A 250 -12.97 -4.16 -3.28
C ASN A 250 -12.83 -5.13 -2.12
N MET A 251 -11.92 -6.09 -2.31
CA MET A 251 -11.60 -7.11 -1.30
C MET A 251 -10.23 -6.79 -0.73
N PRO A 252 -10.12 -6.67 0.61
CA PRO A 252 -8.81 -6.38 1.16
C PRO A 252 -7.74 -7.36 0.69
N PHE A 253 -6.58 -6.82 0.33
CA PHE A 253 -5.46 -7.61 -0.18
C PHE A 253 -4.27 -7.61 0.80
N TRP A 254 -3.72 -8.79 1.00
CA TRP A 254 -2.57 -8.97 1.87
C TRP A 254 -1.42 -9.51 1.03
N ARG A 255 -0.43 -8.68 0.73
CA ARG A 255 0.68 -9.16 -0.09
C ARG A 255 1.76 -9.91 0.66
N ILE A 256 2.25 -11.00 0.05
CA ILE A 256 3.31 -11.81 0.64
C ILE A 256 4.57 -11.69 -0.23
N SER A 257 5.62 -11.11 0.34
CA SER A 257 6.89 -10.92 -0.37
C SER A 257 8.06 -11.64 0.29
N CYS A 258 7.86 -12.08 1.53
CA CYS A 258 8.92 -12.77 2.25
C CYS A 258 8.34 -13.49 3.45
N HIS A 259 9.20 -14.21 4.17
CA HIS A 259 8.78 -14.94 5.35
C HIS A 259 8.06 -14.02 6.36
N ALA A 260 8.60 -12.81 6.48
CA ALA A 260 8.07 -11.79 7.38
C ALA A 260 6.59 -11.54 7.20
N ASP A 261 6.14 -11.48 5.95
CA ASP A 261 4.74 -11.24 5.66
C ASP A 261 3.82 -12.38 6.11
N LEU A 262 4.35 -13.60 6.05
CA LEU A 262 3.60 -14.78 6.45
C LEU A 262 3.51 -14.79 7.97
N GLU A 263 4.50 -14.18 8.61
CA GLU A 263 4.51 -14.10 10.07
C GLU A 263 3.52 -13.03 10.51
N ALA A 264 3.52 -11.90 9.82
CA ALA A 264 2.60 -10.81 10.13
C ALA A 264 1.17 -11.34 10.10
N LEU A 265 0.91 -12.17 9.09
CA LEU A 265 -0.41 -12.76 8.91
C LEU A 265 -0.74 -13.69 10.07
N ARG A 266 0.16 -14.61 10.38
CA ARG A 266 -0.08 -15.53 11.48
C ARG A 266 -0.35 -14.74 12.76
N HIS A 267 0.41 -13.68 12.99
CA HIS A 267 0.24 -12.86 14.19
C HIS A 267 -1.18 -12.29 14.29
N ALA A 268 -1.67 -11.73 13.20
CA ALA A 268 -3.02 -11.17 13.13
C ALA A 268 -4.06 -12.26 13.38
N LEU A 269 -3.81 -13.45 12.85
CA LEU A 269 -4.73 -14.59 13.01
C LEU A 269 -4.84 -15.01 14.46
N GLU A 270 -3.73 -14.82 15.16
CA GLU A 270 -3.59 -15.18 16.54
C GLU A 270 -4.27 -14.24 17.56
N LEU A 271 -4.51 -12.99 17.17
CA LEU A 271 -5.12 -12.00 18.08
C LEU A 271 -6.63 -11.85 18.08
N GLU A 272 -7.28 -12.35 17.04
CA GLU A 272 -8.72 -12.22 16.88
C GLU A 272 -9.54 -13.44 17.27
N TYR A 273 -10.63 -13.18 18.00
CA TYR A 273 -11.56 -14.23 18.44
C TYR A 273 -12.93 -13.87 17.88
N LEU A 274 -13.40 -14.64 16.91
CA LEU A 274 -14.70 -14.40 16.32
C LEU A 274 -15.79 -15.23 17.01
N GLU B 4 -5.69 5.29 -19.97
CA GLU B 4 -5.26 4.73 -21.29
C GLU B 4 -3.91 5.28 -21.74
N ARG B 5 -2.85 4.54 -21.46
CA ARG B 5 -1.51 4.95 -21.87
C ARG B 5 -0.74 3.76 -22.43
N VAL B 6 0.21 4.05 -23.30
CA VAL B 6 1.03 3.02 -23.92
C VAL B 6 2.50 3.18 -23.51
N PHE B 7 3.07 2.12 -22.94
CA PHE B 7 4.46 2.16 -22.53
C PHE B 7 5.33 1.55 -23.62
N VAL B 8 6.26 2.33 -24.13
CA VAL B 8 7.15 1.88 -25.20
C VAL B 8 8.53 1.56 -24.62
N TRP B 9 8.79 0.28 -24.47
CA TRP B 9 10.02 -0.22 -23.87
C TRP B 9 11.20 -0.46 -24.78
N ASP B 10 12.40 -0.18 -24.26
CA ASP B 10 13.62 -0.49 -24.99
C ASP B 10 13.95 -1.87 -24.43
N LEU B 11 14.63 -2.71 -25.20
CA LEU B 11 14.95 -4.03 -24.70
C LEU B 11 16.31 -4.07 -23.98
N ASP B 12 17.38 -4.01 -24.76
CA ASP B 12 18.74 -4.08 -24.23
C ASP B 12 19.09 -3.07 -23.14
N GLU B 13 19.56 -3.64 -22.03
CA GLU B 13 19.96 -2.91 -20.85
C GLU B 13 18.87 -2.04 -20.23
N THR B 14 17.62 -2.42 -20.51
CA THR B 14 16.46 -1.74 -19.94
C THR B 14 15.63 -2.83 -19.27
N ILE B 15 15.09 -3.75 -20.08
CA ILE B 15 14.29 -4.84 -19.52
C ILE B 15 15.24 -6.01 -19.21
N ILE B 16 16.26 -6.19 -20.06
CA ILE B 16 17.21 -7.28 -19.88
C ILE B 16 18.67 -6.83 -19.84
N ILE B 17 19.51 -7.72 -19.33
CA ILE B 17 20.94 -7.49 -19.27
C ILE B 17 21.51 -8.58 -20.15
N PHE B 18 22.17 -8.18 -21.24
CA PHE B 18 22.77 -9.15 -22.16
C PHE B 18 24.02 -8.60 -22.83
N HIS B 19 23.89 -7.53 -23.60
CA HIS B 19 25.04 -6.93 -24.27
C HIS B 19 26.13 -6.51 -23.30
N SER B 20 25.75 -5.81 -22.23
CA SER B 20 26.70 -5.33 -21.23
C SER B 20 27.50 -6.48 -20.59
N LEU B 21 27.05 -7.71 -20.79
CA LEU B 21 27.75 -8.85 -20.23
C LEU B 21 28.93 -9.13 -21.13
N LEU B 22 28.74 -8.83 -22.41
CA LEU B 22 29.76 -9.04 -23.42
C LEU B 22 30.76 -7.88 -23.47
N THR B 23 30.29 -6.65 -23.24
CA THR B 23 31.17 -5.49 -23.25
C THR B 23 31.96 -5.30 -21.94
N GLY B 24 31.61 -6.08 -20.92
CA GLY B 24 32.31 -5.94 -19.65
C GLY B 24 31.85 -4.73 -18.85
N THR B 25 31.02 -3.87 -19.44
CA THR B 25 30.56 -2.70 -18.72
C THR B 25 29.69 -3.09 -17.53
N PHE B 26 28.95 -4.19 -17.65
CA PHE B 26 28.09 -4.59 -16.55
C PHE B 26 28.92 -4.90 -15.31
N ALA B 27 29.86 -5.83 -15.48
CA ALA B 27 30.72 -6.27 -14.40
C ALA B 27 31.48 -5.13 -13.73
N SER B 28 31.94 -4.15 -14.50
CA SER B 28 32.69 -3.05 -13.92
C SER B 28 31.76 -2.07 -13.22
N ARG B 29 30.64 -1.76 -13.83
CA ARG B 29 29.71 -0.82 -13.22
C ARG B 29 29.12 -1.35 -11.92
N TYR B 30 28.81 -2.63 -11.89
CA TYR B 30 28.20 -3.21 -10.71
C TYR B 30 29.11 -4.03 -9.81
N GLY B 31 30.41 -3.96 -10.08
CA GLY B 31 31.38 -4.68 -9.27
C GLY B 31 31.26 -6.20 -9.25
N LYS B 32 30.83 -6.78 -10.36
CA LYS B 32 30.67 -8.23 -10.48
C LYS B 32 31.93 -8.85 -11.12
N ASP B 33 32.03 -10.18 -11.09
CA ASP B 33 33.18 -10.85 -11.68
C ASP B 33 33.11 -10.79 -13.20
N THR B 34 34.11 -10.14 -13.81
CA THR B 34 34.15 -9.96 -15.27
C THR B 34 34.19 -11.25 -16.07
N THR B 35 34.91 -12.25 -15.58
CA THR B 35 35.01 -13.52 -16.29
C THR B 35 33.68 -14.27 -16.32
N THR B 36 32.98 -14.20 -15.19
CA THR B 36 31.68 -14.84 -15.04
C THR B 36 30.65 -14.18 -15.96
N SER B 37 30.66 -12.85 -15.99
CA SER B 37 29.74 -12.10 -16.81
C SER B 37 29.86 -12.49 -18.27
N VAL B 38 31.09 -12.50 -18.76
CA VAL B 38 31.36 -12.84 -20.15
C VAL B 38 30.93 -14.26 -20.44
N ARG B 39 31.30 -15.18 -19.56
CA ARG B 39 30.97 -16.58 -19.75
C ARG B 39 29.47 -16.76 -19.95
N ILE B 40 28.69 -16.12 -19.07
CA ILE B 40 27.24 -16.21 -19.12
C ILE B 40 26.73 -15.51 -20.38
N GLY B 41 27.28 -14.34 -20.68
CA GLY B 41 26.87 -13.60 -21.86
C GLY B 41 27.08 -14.39 -23.13
N LEU B 42 28.23 -15.05 -23.24
CA LEU B 42 28.58 -15.87 -24.39
C LEU B 42 27.69 -17.11 -24.47
N MET B 43 27.38 -17.71 -23.31
CA MET B 43 26.52 -18.87 -23.29
C MET B 43 25.12 -18.48 -23.72
N MET B 44 24.63 -17.35 -23.22
CA MET B 44 23.30 -16.85 -23.58
C MET B 44 23.23 -16.44 -25.05
N GLU B 45 24.29 -15.80 -25.52
CA GLU B 45 24.32 -15.37 -26.91
C GLU B 45 24.14 -16.60 -27.81
N GLU B 46 24.86 -17.66 -27.47
CA GLU B 46 24.79 -18.88 -28.25
C GLU B 46 23.39 -19.49 -28.28
N MET B 47 22.69 -19.47 -27.15
CA MET B 47 21.33 -20.02 -27.11
C MET B 47 20.38 -19.17 -27.91
N ILE B 48 20.61 -17.87 -27.92
CA ILE B 48 19.77 -16.95 -28.66
C ILE B 48 19.85 -17.20 -30.16
N PHE B 49 21.07 -17.27 -30.69
CA PHE B 49 21.26 -17.51 -32.12
C PHE B 49 21.09 -18.97 -32.50
N ASN B 50 21.17 -19.84 -31.51
CA ASN B 50 20.97 -21.26 -31.72
C ASN B 50 19.48 -21.44 -32.00
N LEU B 51 18.67 -20.75 -31.20
CA LEU B 51 17.21 -20.77 -31.32
C LEU B 51 16.75 -20.15 -32.63
N ALA B 52 17.26 -18.96 -32.95
CA ALA B 52 16.88 -18.27 -34.17
C ALA B 52 17.23 -19.06 -35.44
N ASP B 53 18.45 -19.58 -35.53
CA ASP B 53 18.85 -20.35 -36.71
C ASP B 53 18.02 -21.61 -36.85
N THR B 54 17.95 -22.40 -35.77
CA THR B 54 17.24 -23.66 -35.79
C THR B 54 15.72 -23.56 -35.93
N HIS B 55 15.08 -22.67 -35.18
CA HIS B 55 13.64 -22.60 -35.25
C HIS B 55 13.05 -21.36 -35.90
N LEU B 56 13.82 -20.29 -35.99
CA LEU B 56 13.25 -19.06 -36.55
C LEU B 56 13.73 -18.67 -37.95
N PHE B 57 14.15 -19.67 -38.74
CA PHE B 57 14.63 -19.43 -40.10
C PHE B 57 15.51 -18.18 -40.14
N PHE B 58 16.56 -18.17 -39.32
CA PHE B 58 17.42 -17.00 -39.29
C PHE B 58 18.39 -16.89 -40.50
N ASN B 59 19.03 -17.99 -40.89
CA ASN B 59 19.97 -17.90 -42.02
C ASN B 59 19.27 -17.32 -43.24
N ASP B 60 17.94 -17.44 -43.29
CA ASP B 60 17.13 -16.92 -44.39
C ASP B 60 16.74 -15.47 -44.19
N LEU B 61 15.94 -15.23 -43.15
CA LEU B 61 15.44 -13.90 -42.81
C LEU B 61 16.54 -12.95 -42.37
N GLU B 62 17.73 -13.48 -42.17
CA GLU B 62 18.87 -12.68 -41.75
C GLU B 62 18.94 -11.32 -42.44
N ASP B 63 18.64 -11.31 -43.74
CA ASP B 63 18.70 -10.07 -44.51
C ASP B 63 17.38 -9.40 -44.84
N CYS B 64 16.27 -10.07 -44.55
CA CYS B 64 14.95 -9.49 -44.79
C CYS B 64 14.65 -8.83 -43.45
N ASP B 65 14.77 -7.51 -43.38
CA ASP B 65 14.55 -6.79 -42.12
C ASP B 65 13.15 -6.20 -41.91
N GLN B 66 12.27 -6.99 -41.30
CA GLN B 66 10.90 -6.56 -41.03
C GLN B 66 10.77 -5.75 -39.75
N ILE B 67 10.03 -4.65 -39.82
CA ILE B 67 9.82 -3.80 -38.65
C ILE B 67 8.87 -4.54 -37.71
N HIS B 68 7.99 -5.32 -38.31
CA HIS B 68 6.98 -6.04 -37.54
C HIS B 68 6.75 -7.41 -38.15
N VAL B 69 5.98 -8.25 -37.46
CA VAL B 69 5.69 -9.60 -37.93
C VAL B 69 4.67 -9.69 -39.08
N ASP B 70 3.65 -8.84 -39.03
CA ASP B 70 2.60 -8.84 -40.04
C ASP B 70 2.89 -7.90 -41.21
N ASP B 71 4.13 -7.43 -41.32
CA ASP B 71 4.48 -6.51 -42.38
C ASP B 71 4.59 -7.11 -43.77
N VAL B 72 4.33 -8.40 -43.89
CA VAL B 72 4.39 -9.08 -45.20
C VAL B 72 3.06 -9.80 -45.39
N SER B 73 2.14 -9.59 -44.44
CA SER B 73 0.80 -10.20 -44.43
C SER B 73 0.11 -10.26 -45.80
N SER B 74 0.32 -9.23 -46.60
CA SER B 74 -0.26 -9.14 -47.94
C SER B 74 0.17 -10.33 -48.79
N ASP B 75 1.49 -10.45 -48.95
CA ASP B 75 2.13 -11.49 -49.74
C ASP B 75 1.92 -12.92 -49.24
N ASP B 76 0.72 -13.24 -48.79
CA ASP B 76 0.43 -14.58 -48.30
C ASP B 76 -0.84 -15.10 -48.96
N ASN B 77 -1.38 -16.18 -48.40
CA ASN B 77 -2.58 -16.84 -48.90
C ASN B 77 -2.80 -18.05 -48.00
N GLY B 78 -3.43 -17.79 -46.85
CA GLY B 78 -3.72 -18.80 -45.84
C GLY B 78 -3.66 -20.28 -46.16
N GLN B 79 -2.55 -20.93 -45.82
CA GLN B 79 -2.38 -22.36 -46.06
C GLN B 79 -2.10 -23.01 -44.72
N ASP B 80 -2.58 -24.23 -44.55
CA ASP B 80 -2.32 -24.95 -43.31
C ASP B 80 -0.95 -25.58 -43.44
N LEU B 81 0.06 -24.70 -43.53
CA LEU B 81 1.46 -25.11 -43.65
C LEU B 81 1.98 -25.72 -42.36
N SER B 82 1.12 -26.52 -41.73
CA SER B 82 1.48 -27.22 -40.50
C SER B 82 2.27 -28.43 -40.99
N THR B 83 2.31 -28.56 -42.32
CA THR B 83 2.98 -29.67 -42.98
C THR B 83 3.90 -29.22 -44.13
N TYR B 84 4.03 -27.91 -44.31
CA TYR B 84 4.87 -27.35 -45.37
C TYR B 84 6.35 -27.71 -45.14
N ASN B 85 7.08 -27.94 -46.22
CA ASN B 85 8.50 -28.28 -46.15
C ASN B 85 9.33 -27.08 -46.60
N PHE B 86 9.79 -26.28 -45.65
CA PHE B 86 10.59 -25.08 -45.93
C PHE B 86 11.98 -25.38 -46.46
N SER B 87 12.50 -26.56 -46.10
CA SER B 87 13.81 -26.98 -46.57
C SER B 87 13.71 -27.31 -48.05
N ALA B 88 12.51 -27.75 -48.44
CA ALA B 88 12.21 -28.12 -49.83
C ALA B 88 12.22 -26.90 -50.75
N ASP B 89 11.27 -25.99 -50.54
CA ASP B 89 11.16 -24.80 -51.36
C ASP B 89 12.51 -24.10 -51.54
N GLY B 90 12.63 -23.36 -52.64
CA GLY B 90 13.86 -22.65 -52.93
C GLY B 90 13.84 -21.22 -52.45
N PHE B 91 14.42 -20.98 -51.27
CA PHE B 91 14.48 -19.64 -50.72
C PHE B 91 15.91 -19.13 -50.61
N HIS B 92 16.05 -17.82 -50.74
CA HIS B 92 17.35 -17.15 -50.66
C HIS B 92 17.31 -15.89 -49.78
N ASP B 111 5.21 -15.86 -55.52
CA ASP B 111 6.62 -16.15 -55.94
C ASP B 111 7.55 -16.27 -54.74
N TRP B 112 8.41 -15.26 -54.58
CA TRP B 112 9.38 -15.18 -53.50
C TRP B 112 8.78 -14.47 -52.28
N MET B 113 7.75 -13.66 -52.51
CA MET B 113 7.11 -12.95 -51.40
C MET B 113 6.19 -13.85 -50.58
N ARG B 114 5.62 -14.87 -51.22
CA ARG B 114 4.73 -15.80 -50.53
C ARG B 114 5.56 -16.78 -49.70
N LYS B 115 6.77 -17.05 -50.16
CA LYS B 115 7.67 -17.97 -49.46
C LYS B 115 8.33 -17.26 -48.28
N LEU B 116 8.17 -15.93 -48.24
CA LEU B 116 8.73 -15.12 -47.18
C LEU B 116 7.68 -14.91 -46.09
N ALA B 117 6.47 -14.53 -46.48
CA ALA B 117 5.40 -14.31 -45.51
C ALA B 117 5.02 -15.60 -44.79
N PHE B 118 5.45 -16.74 -45.36
CA PHE B 118 5.16 -18.03 -44.76
C PHE B 118 6.05 -18.26 -43.55
N ARG B 119 7.33 -18.00 -43.73
CA ARG B 119 8.29 -18.17 -42.65
C ARG B 119 7.87 -17.29 -41.47
N TYR B 120 7.39 -16.08 -41.76
CA TYR B 120 6.96 -15.16 -40.70
C TYR B 120 5.67 -15.60 -40.00
N ARG B 121 4.74 -16.18 -40.75
CA ARG B 121 3.50 -16.63 -40.14
C ARG B 121 3.80 -17.88 -39.32
N ARG B 122 4.78 -18.65 -39.76
CA ARG B 122 5.15 -19.88 -39.06
C ARG B 122 5.82 -19.51 -37.73
N VAL B 123 6.68 -18.51 -37.78
CA VAL B 123 7.38 -18.03 -36.59
C VAL B 123 6.32 -17.56 -35.59
N LYS B 124 5.44 -16.68 -36.05
CA LYS B 124 4.37 -16.16 -35.22
C LYS B 124 3.60 -17.29 -34.53
N GLU B 125 3.36 -18.38 -35.27
CA GLU B 125 2.63 -19.53 -34.73
C GLU B 125 3.35 -20.17 -33.56
N MET B 126 4.66 -20.36 -33.70
CA MET B 126 5.47 -20.96 -32.65
C MET B 126 5.66 -20.07 -31.42
N TYR B 127 5.80 -18.77 -31.67
CA TYR B 127 5.98 -17.82 -30.59
C TYR B 127 4.82 -17.96 -29.63
N ASN B 128 3.62 -18.01 -30.18
CA ASN B 128 2.43 -18.13 -29.37
C ASN B 128 2.25 -19.52 -28.76
N THR B 129 2.63 -20.54 -29.51
CA THR B 129 2.47 -21.89 -28.99
C THR B 129 3.60 -22.29 -28.04
N TYR B 130 4.58 -21.41 -27.85
CA TYR B 130 5.71 -21.73 -26.99
C TYR B 130 6.16 -20.64 -26.03
N LYS B 131 5.58 -19.45 -26.16
CA LYS B 131 5.95 -18.34 -25.30
C LYS B 131 5.85 -18.64 -23.81
N ASN B 132 5.29 -19.81 -23.48
CA ASN B 132 5.16 -20.21 -22.08
C ASN B 132 5.53 -21.67 -21.94
N ASN B 133 6.24 -22.16 -22.95
CA ASN B 133 6.68 -23.55 -23.00
C ASN B 133 7.99 -23.59 -23.79
N VAL B 134 8.88 -22.65 -23.48
CA VAL B 134 10.18 -22.54 -24.15
C VAL B 134 10.92 -23.87 -24.21
N GLY B 135 10.80 -24.67 -23.15
CA GLY B 135 11.47 -25.95 -23.10
C GLY B 135 10.95 -26.91 -24.14
N GLY B 136 9.66 -26.83 -24.45
CA GLY B 136 9.09 -27.73 -25.42
C GLY B 136 9.59 -27.41 -26.81
N LEU B 137 10.13 -26.21 -26.97
CA LEU B 137 10.64 -25.75 -28.26
C LEU B 137 12.13 -26.02 -28.49
N ILE B 138 12.94 -26.00 -27.43
CA ILE B 138 14.37 -26.23 -27.60
C ILE B 138 14.86 -27.61 -27.14
N GLY B 139 13.93 -28.41 -26.62
CA GLY B 139 14.29 -29.74 -26.17
C GLY B 139 14.65 -29.81 -24.70
N THR B 140 14.57 -31.02 -24.14
CA THR B 140 14.87 -31.27 -22.74
C THR B 140 16.29 -30.91 -22.32
N PRO B 141 17.31 -31.43 -23.04
CA PRO B 141 18.68 -31.10 -22.65
C PRO B 141 18.93 -29.58 -22.66
N LYS B 142 18.52 -28.91 -23.74
CA LYS B 142 18.74 -27.47 -23.85
C LYS B 142 17.93 -26.64 -22.87
N ARG B 143 16.70 -27.06 -22.60
CA ARG B 143 15.87 -26.34 -21.67
C ARG B 143 16.51 -26.32 -20.29
N GLU B 144 17.05 -27.47 -19.90
CA GLU B 144 17.66 -27.60 -18.61
C GLU B 144 18.89 -26.72 -18.43
N THR B 145 19.73 -26.66 -19.45
CA THR B 145 20.91 -25.83 -19.36
C THR B 145 20.46 -24.36 -19.45
N TRP B 146 19.38 -24.13 -20.19
CA TRP B 146 18.82 -22.79 -20.35
C TRP B 146 18.35 -22.27 -18.99
N LEU B 147 17.78 -23.15 -18.18
CA LEU B 147 17.29 -22.79 -16.86
C LEU B 147 18.43 -22.52 -15.88
N GLN B 148 19.48 -23.31 -15.94
CA GLN B 148 20.60 -23.11 -15.04
C GLN B 148 21.34 -21.80 -15.34
N LEU B 149 21.37 -21.43 -16.61
CA LEU B 149 22.02 -20.21 -17.07
C LEU B 149 21.21 -18.99 -16.62
N ARG B 150 19.89 -19.09 -16.78
CA ARG B 150 19.00 -18.01 -16.37
C ARG B 150 19.14 -17.76 -14.89
N ALA B 151 19.31 -18.84 -14.12
CA ALA B 151 19.45 -18.73 -12.67
C ALA B 151 20.77 -18.06 -12.27
N GLU B 152 21.85 -18.39 -12.97
CA GLU B 152 23.17 -17.80 -12.71
C GLU B 152 23.09 -16.31 -13.01
N LEU B 153 22.42 -16.01 -14.11
CA LEU B 153 22.21 -14.65 -14.55
C LEU B 153 21.45 -13.82 -13.52
N GLU B 154 20.34 -14.33 -13.01
CA GLU B 154 19.55 -13.61 -11.99
C GLU B 154 20.39 -13.31 -10.77
N ALA B 155 21.30 -14.22 -10.45
CA ALA B 155 22.15 -14.02 -9.30
C ALA B 155 23.19 -12.93 -9.68
N LEU B 156 23.78 -13.08 -10.85
CA LEU B 156 24.77 -12.11 -11.31
C LEU B 156 24.21 -10.70 -11.38
N THR B 157 23.06 -10.57 -12.03
CA THR B 157 22.42 -9.29 -12.22
C THR B 157 21.54 -8.85 -11.05
N ASP B 158 21.70 -9.51 -9.92
CA ASP B 158 20.91 -9.18 -8.74
C ASP B 158 19.42 -8.95 -9.04
N LEU B 159 18.76 -9.96 -9.60
CA LEU B 159 17.32 -9.93 -9.88
C LEU B 159 16.79 -8.89 -10.85
N TRP B 160 17.63 -8.42 -11.77
CA TRP B 160 17.20 -7.41 -12.72
C TRP B 160 15.92 -7.81 -13.48
N LEU B 161 16.00 -8.91 -14.22
CA LEU B 161 14.85 -9.37 -14.99
C LEU B 161 13.60 -9.56 -14.14
N THR B 162 13.80 -10.09 -12.94
CA THR B 162 12.69 -10.29 -12.01
C THR B 162 12.00 -8.96 -11.80
N HIS B 163 12.80 -7.92 -11.63
CA HIS B 163 12.28 -6.60 -11.40
C HIS B 163 11.58 -5.99 -12.62
N SER B 164 12.19 -6.14 -13.79
CA SER B 164 11.59 -5.59 -15.01
C SER B 164 10.26 -6.30 -15.27
N LEU B 165 10.24 -7.62 -15.10
CA LEU B 165 9.03 -8.41 -15.29
C LEU B 165 7.90 -7.92 -14.38
N LYS B 166 8.23 -7.59 -13.14
CA LYS B 166 7.23 -7.10 -12.21
C LYS B 166 6.56 -5.86 -12.81
N ALA B 167 7.38 -4.95 -13.32
CA ALA B 167 6.89 -3.72 -13.93
C ALA B 167 5.98 -4.06 -15.11
N LEU B 168 6.50 -4.89 -16.02
CA LEU B 168 5.74 -5.30 -17.19
C LEU B 168 4.42 -5.94 -16.79
N ASN B 169 4.48 -6.93 -15.91
CA ASN B 169 3.30 -7.62 -15.45
C ASN B 169 2.32 -6.66 -14.81
N LEU B 170 2.84 -5.63 -14.14
CA LEU B 170 2.01 -4.65 -13.47
C LEU B 170 1.24 -3.81 -14.47
N ILE B 171 1.88 -3.46 -15.57
CA ILE B 171 1.25 -2.67 -16.63
C ILE B 171 0.26 -3.56 -17.36
N ASN B 172 0.63 -4.83 -17.49
CA ASN B 172 -0.21 -5.79 -18.17
C ASN B 172 -1.54 -5.98 -17.46
N SER B 173 -1.52 -6.02 -16.14
CA SER B 173 -2.74 -6.21 -15.34
C SER B 173 -3.59 -4.96 -15.33
N ARG B 174 -2.99 -3.82 -15.63
CA ARG B 174 -3.75 -2.58 -15.68
C ARG B 174 -4.65 -2.73 -16.90
N PRO B 175 -5.96 -2.49 -16.71
CA PRO B 175 -6.99 -2.59 -17.76
C PRO B 175 -6.83 -1.77 -19.05
N ASN B 176 -6.49 -0.49 -18.94
CA ASN B 176 -6.36 0.32 -20.15
C ASN B 176 -4.93 0.74 -20.52
N CYS B 177 -3.96 -0.02 -20.05
CA CYS B 177 -2.53 0.22 -20.32
C CYS B 177 -1.94 -1.00 -21.03
N VAL B 178 -0.98 -0.79 -21.92
CA VAL B 178 -0.36 -1.90 -22.64
C VAL B 178 1.15 -1.74 -22.85
N ASN B 179 1.84 -2.85 -23.06
CA ASN B 179 3.29 -2.82 -23.28
C ASN B 179 3.63 -3.03 -24.74
N VAL B 180 4.53 -2.20 -25.24
CA VAL B 180 4.99 -2.29 -26.63
C VAL B 180 6.51 -2.27 -26.56
N LEU B 181 7.14 -2.99 -27.47
CA LEU B 181 8.60 -3.06 -27.49
C LEU B 181 9.22 -2.47 -28.76
N VAL B 182 10.25 -1.66 -28.58
CA VAL B 182 10.97 -1.05 -29.69
C VAL B 182 12.45 -1.24 -29.42
N THR B 183 13.07 -2.12 -30.19
CA THR B 183 14.48 -2.43 -30.02
C THR B 183 15.29 -2.33 -31.29
N THR B 184 16.51 -1.85 -31.14
CA THR B 184 17.47 -1.72 -32.24
C THR B 184 17.72 -3.12 -32.86
N THR B 185 17.56 -4.15 -32.04
CA THR B 185 17.76 -5.55 -32.44
C THR B 185 16.86 -5.97 -33.60
N GLN B 186 17.41 -6.80 -34.50
CA GLN B 186 16.65 -7.29 -35.64
C GLN B 186 15.45 -8.08 -35.12
N LEU B 187 14.37 -8.10 -35.89
CA LEU B 187 13.16 -8.80 -35.48
C LEU B 187 13.34 -10.26 -35.05
N ILE B 188 13.88 -11.12 -35.91
CA ILE B 188 14.06 -12.54 -35.55
C ILE B 188 14.86 -12.76 -34.26
N PRO B 189 16.06 -12.16 -34.16
CA PRO B 189 16.86 -12.33 -32.95
C PRO B 189 16.16 -11.74 -31.73
N ALA B 190 15.45 -10.64 -31.93
CA ALA B 190 14.72 -9.99 -30.85
C ALA B 190 13.66 -10.93 -30.26
N LEU B 191 13.01 -11.71 -31.12
CA LEU B 191 12.00 -12.66 -30.64
C LEU B 191 12.66 -13.78 -29.84
N ALA B 192 13.83 -14.22 -30.31
CA ALA B 192 14.60 -15.26 -29.65
C ALA B 192 14.94 -14.80 -28.23
N LYS B 193 15.28 -13.50 -28.11
CA LYS B 193 15.64 -12.92 -26.83
C LYS B 193 14.41 -12.96 -25.96
N VAL B 194 13.37 -12.26 -26.44
CA VAL B 194 12.08 -12.20 -25.74
C VAL B 194 11.66 -13.54 -25.19
N LEU B 195 11.73 -14.60 -25.99
CA LEU B 195 11.36 -15.94 -25.55
C LEU B 195 12.29 -16.50 -24.45
N LEU B 196 13.60 -16.38 -24.66
CA LEU B 196 14.58 -16.88 -23.72
C LEU B 196 14.62 -16.14 -22.38
N TYR B 197 14.08 -14.92 -22.36
CA TYR B 197 14.07 -14.11 -21.15
C TYR B 197 12.71 -14.06 -20.45
N GLY B 198 11.85 -15.01 -20.78
CA GLY B 198 10.54 -15.08 -20.14
C GLY B 198 9.60 -13.94 -20.47
N LEU B 199 9.95 -13.18 -21.51
CA LEU B 199 9.14 -12.06 -21.93
C LEU B 199 8.04 -12.39 -22.93
N GLY B 200 8.06 -13.60 -23.49
CA GLY B 200 7.02 -13.97 -24.43
C GLY B 200 5.64 -13.77 -23.82
N SER B 201 5.53 -14.15 -22.55
CA SER B 201 4.28 -14.04 -21.81
C SER B 201 3.81 -12.61 -21.56
N VAL B 202 4.70 -11.62 -21.64
CA VAL B 202 4.27 -10.25 -21.38
C VAL B 202 4.14 -9.41 -22.64
N PHE B 203 4.70 -9.89 -23.75
CA PHE B 203 4.66 -9.18 -25.03
C PHE B 203 3.93 -9.93 -26.15
N PRO B 204 2.73 -9.47 -26.53
CA PRO B 204 2.04 -10.16 -27.61
C PRO B 204 2.88 -9.82 -28.85
N ILE B 205 3.27 -10.83 -29.61
CA ILE B 205 4.13 -10.65 -30.76
C ILE B 205 3.83 -9.45 -31.69
N GLU B 206 2.58 -8.99 -31.73
CA GLU B 206 2.20 -7.85 -32.57
C GLU B 206 2.48 -6.54 -31.86
N ASN B 207 3.14 -6.62 -30.71
CA ASN B 207 3.47 -5.44 -29.93
C ASN B 207 4.97 -5.29 -29.87
N ILE B 208 5.65 -5.90 -30.83
CA ILE B 208 7.10 -5.85 -30.89
C ILE B 208 7.58 -5.26 -32.22
N TYR B 209 8.40 -4.20 -32.13
CA TYR B 209 8.93 -3.51 -33.30
C TYR B 209 10.45 -3.46 -33.36
N SER B 210 11.00 -3.82 -34.52
CA SER B 210 12.45 -3.82 -34.74
C SER B 210 12.83 -2.58 -35.52
N ALA B 211 13.38 -1.58 -34.84
CA ALA B 211 13.77 -0.34 -35.49
C ALA B 211 15.20 -0.37 -36.01
N THR B 212 15.68 -1.56 -36.38
CA THR B 212 17.04 -1.70 -36.90
C THR B 212 17.26 -0.80 -38.13
N LYS B 213 16.30 -0.84 -39.06
CA LYS B 213 16.40 -0.06 -40.28
C LYS B 213 15.73 1.31 -40.21
N THR B 214 14.40 1.34 -40.12
CA THR B 214 13.64 2.60 -40.08
C THR B 214 14.05 3.58 -38.99
N GLY B 215 14.55 3.06 -37.88
CA GLY B 215 14.94 3.92 -36.77
C GLY B 215 13.82 3.95 -35.73
N LYS B 216 14.15 4.29 -34.49
CA LYS B 216 13.16 4.33 -33.43
C LYS B 216 12.05 5.36 -33.59
N GLU B 217 12.37 6.55 -34.10
CA GLU B 217 11.32 7.54 -34.26
C GLU B 217 10.25 7.05 -35.21
N SER B 218 10.67 6.35 -36.27
CA SER B 218 9.73 5.81 -37.24
C SER B 218 8.71 4.88 -36.56
N CYS B 219 9.21 3.97 -35.73
CA CYS B 219 8.34 3.02 -35.02
C CYS B 219 7.45 3.72 -34.02
N PHE B 220 7.96 4.75 -33.36
CA PHE B 220 7.15 5.46 -32.38
C PHE B 220 5.95 6.04 -33.14
N GLU B 221 6.17 6.47 -34.36
CA GLU B 221 5.10 7.01 -35.18
C GLU B 221 4.05 5.91 -35.32
N ARG B 222 4.45 4.79 -35.95
CA ARG B 222 3.56 3.64 -36.16
C ARG B 222 2.71 3.34 -34.95
N ILE B 223 3.37 3.32 -33.79
CA ILE B 223 2.71 3.02 -32.53
C ILE B 223 1.68 4.08 -32.15
N MET B 224 1.99 5.34 -32.45
CA MET B 224 1.05 6.41 -32.15
C MET B 224 -0.10 6.35 -33.15
N GLN B 225 0.22 6.04 -34.39
CA GLN B 225 -0.79 5.93 -35.43
C GLN B 225 -1.69 4.75 -35.07
N ARG B 226 -1.06 3.68 -34.58
CA ARG B 226 -1.79 2.48 -34.18
C ARG B 226 -2.74 2.68 -33.00
N PHE B 227 -2.40 3.58 -32.06
CA PHE B 227 -3.25 3.80 -30.89
C PHE B 227 -3.93 5.18 -30.83
N GLY B 228 -3.65 6.03 -31.81
CA GLY B 228 -4.27 7.34 -31.86
C GLY B 228 -3.58 8.51 -31.17
N ARG B 229 -4.36 9.26 -30.41
CA ARG B 229 -3.84 10.42 -29.70
C ARG B 229 -4.59 10.54 -28.37
N LYS B 230 -5.51 9.61 -28.13
CA LYS B 230 -6.28 9.59 -26.89
C LYS B 230 -5.37 9.08 -25.79
N ALA B 231 -4.35 8.31 -26.19
CA ALA B 231 -3.41 7.72 -25.26
C ALA B 231 -2.15 8.53 -25.00
N VAL B 232 -1.55 8.28 -23.85
CA VAL B 232 -0.30 8.91 -23.43
C VAL B 232 0.80 7.88 -23.71
N TYR B 233 1.82 8.28 -24.44
CA TYR B 233 2.90 7.34 -24.77
C TYR B 233 4.13 7.55 -23.91
N VAL B 234 4.34 6.62 -22.98
CA VAL B 234 5.49 6.68 -22.08
C VAL B 234 6.65 5.89 -22.65
N VAL B 235 7.74 6.57 -22.99
CA VAL B 235 8.90 5.88 -23.54
C VAL B 235 9.86 5.57 -22.40
N ILE B 236 10.33 4.33 -22.36
CA ILE B 236 11.23 3.86 -21.31
C ILE B 236 12.50 3.24 -21.88
N GLY B 237 13.66 3.73 -21.44
CA GLY B 237 14.92 3.20 -21.95
C GLY B 237 16.19 3.80 -21.39
N ASP B 238 17.31 3.17 -21.73
CA ASP B 238 18.63 3.58 -21.28
C ASP B 238 19.42 4.30 -22.38
N GLY B 239 18.99 4.12 -23.63
CA GLY B 239 19.70 4.74 -24.75
C GLY B 239 19.22 6.12 -25.18
N VAL B 240 20.02 6.77 -26.02
CA VAL B 240 19.71 8.12 -26.51
C VAL B 240 18.67 8.14 -27.64
N GLU B 241 18.73 7.17 -28.55
CA GLU B 241 17.78 7.14 -29.65
C GLU B 241 16.37 7.17 -29.11
N GLU B 242 16.08 6.33 -28.11
CA GLU B 242 14.76 6.27 -27.50
C GLU B 242 14.38 7.61 -26.89
N GLU B 243 15.35 8.22 -26.20
CA GLU B 243 15.17 9.49 -25.51
C GLU B 243 14.83 10.68 -26.41
N GLN B 244 15.61 10.86 -27.48
CA GLN B 244 15.40 11.95 -28.41
C GLN B 244 14.15 11.76 -29.25
N GLY B 245 13.87 10.51 -29.62
CA GLY B 245 12.67 10.23 -30.38
C GLY B 245 11.46 10.67 -29.57
N ALA B 246 11.48 10.34 -28.28
CA ALA B 246 10.39 10.73 -27.38
C ALA B 246 10.24 12.26 -27.26
N LYS B 247 11.36 12.97 -27.14
CA LYS B 247 11.34 14.42 -27.01
C LYS B 247 10.76 15.12 -28.22
N LYS B 248 11.11 14.62 -29.41
CA LYS B 248 10.59 15.21 -30.63
C LYS B 248 9.07 15.31 -30.52
N HIS B 249 8.43 14.17 -30.31
CA HIS B 249 6.98 14.13 -30.20
C HIS B 249 6.45 14.38 -28.80
N ASN B 250 7.28 15.00 -27.97
CA ASN B 250 6.90 15.33 -26.61
C ASN B 250 6.22 14.17 -25.87
N MET B 251 6.88 13.02 -25.90
CA MET B 251 6.39 11.82 -25.23
C MET B 251 7.15 11.70 -23.91
N PRO B 252 6.43 11.58 -22.79
CA PRO B 252 7.15 11.46 -21.51
C PRO B 252 8.16 10.31 -21.54
N PHE B 253 9.40 10.65 -21.23
CA PHE B 253 10.48 9.67 -21.26
C PHE B 253 11.05 9.43 -19.86
N TRP B 254 11.37 8.18 -19.59
CA TRP B 254 11.98 7.78 -18.33
C TRP B 254 13.32 7.15 -18.65
N ARG B 255 14.40 7.77 -18.17
CA ARG B 255 15.73 7.24 -18.42
C ARG B 255 16.17 6.26 -17.35
N ILE B 256 16.26 4.99 -17.72
CA ILE B 256 16.70 3.94 -16.81
C ILE B 256 18.17 3.74 -17.13
N SER B 257 19.04 4.37 -16.33
CA SER B 257 20.47 4.26 -16.58
C SER B 257 21.20 3.27 -15.67
N CYS B 258 20.51 2.75 -14.66
CA CYS B 258 21.11 1.77 -13.76
C CYS B 258 20.00 0.99 -13.09
N HIS B 259 20.36 -0.09 -12.38
CA HIS B 259 19.37 -0.94 -11.72
C HIS B 259 18.49 -0.13 -10.78
N ALA B 260 19.10 0.78 -10.02
CA ALA B 260 18.34 1.61 -9.10
C ALA B 260 17.19 2.36 -9.79
N ASP B 261 17.41 2.77 -11.04
CA ASP B 261 16.37 3.48 -11.80
C ASP B 261 15.22 2.55 -12.16
N LEU B 262 15.55 1.29 -12.43
CA LEU B 262 14.54 0.29 -12.77
C LEU B 262 13.62 0.21 -11.55
N GLU B 263 14.25 0.16 -10.38
CA GLU B 263 13.54 0.06 -9.12
C GLU B 263 12.65 1.26 -8.86
N ALA B 264 13.11 2.46 -9.19
CA ALA B 264 12.31 3.67 -8.98
C ALA B 264 11.09 3.64 -9.89
N LEU B 265 11.33 3.31 -11.15
CA LEU B 265 10.27 3.22 -12.14
C LEU B 265 9.19 2.28 -11.69
N ARG B 266 9.62 1.10 -11.27
CA ARG B 266 8.71 0.05 -10.81
C ARG B 266 7.90 0.48 -9.59
N HIS B 267 8.52 1.26 -8.73
CA HIS B 267 7.83 1.74 -7.55
C HIS B 267 6.84 2.82 -7.96
N ALA B 268 7.18 3.57 -9.00
CA ALA B 268 6.30 4.62 -9.53
C ALA B 268 5.02 3.98 -10.08
N LEU B 269 5.18 2.88 -10.82
CA LEU B 269 4.04 2.16 -11.37
C LEU B 269 3.17 1.60 -10.24
N GLU B 270 3.83 1.20 -9.16
CA GLU B 270 3.14 0.68 -7.97
C GLU B 270 2.13 1.68 -7.44
N LEU B 271 2.58 2.90 -7.18
CA LEU B 271 1.71 3.95 -6.65
C LEU B 271 0.85 4.59 -7.73
N GLU B 272 1.14 4.24 -8.98
CA GLU B 272 0.42 4.77 -10.13
C GLU B 272 0.83 6.19 -10.45
N TYR B 273 1.94 6.63 -9.85
CA TYR B 273 2.48 7.96 -10.12
C TYR B 273 2.78 7.86 -11.61
N LEU B 274 2.83 6.63 -12.11
CA LEU B 274 3.08 6.39 -13.51
C LEU B 274 2.14 5.27 -13.93
N SER C 1 0.76 19.45 -26.78
CA SER C 1 1.02 18.00 -26.54
C SER C 1 2.13 17.83 -25.51
N HIS C 2 1.83 18.17 -24.26
CA HIS C 2 2.78 18.05 -23.17
C HIS C 2 2.06 17.60 -21.93
N MET C 3 2.60 16.59 -21.24
CA MET C 3 1.96 16.10 -20.03
C MET C 3 2.29 17.04 -18.87
N GLU C 4 1.32 17.24 -17.98
CA GLU C 4 1.52 18.11 -16.83
C GLU C 4 1.29 17.38 -15.53
N ARG C 5 2.10 17.67 -14.52
CA ARG C 5 1.95 17.04 -13.21
C ARG C 5 1.72 18.10 -12.14
N VAL C 6 0.81 17.79 -11.23
CA VAL C 6 0.48 18.67 -10.12
C VAL C 6 0.74 17.88 -8.84
N PHE C 7 1.61 18.42 -8.00
CA PHE C 7 1.94 17.75 -6.75
C PHE C 7 1.24 18.44 -5.60
N VAL C 8 0.30 17.72 -4.98
CA VAL C 8 -0.46 18.27 -3.86
C VAL C 8 0.12 17.79 -2.54
N TRP C 9 0.83 18.70 -1.87
CA TRP C 9 1.51 18.40 -0.61
C TRP C 9 0.74 18.68 0.68
N ASP C 10 1.13 17.95 1.72
CA ASP C 10 0.60 18.16 3.07
C ASP C 10 1.77 18.96 3.64
N LEU C 11 1.59 19.60 4.78
CA LEU C 11 2.69 20.39 5.32
C LEU C 11 3.37 19.76 6.53
N ASP C 12 2.61 19.53 7.59
CA ASP C 12 3.17 18.98 8.81
C ASP C 12 3.57 17.51 8.74
N GLU C 13 4.83 17.27 9.08
CA GLU C 13 5.43 15.94 9.08
C GLU C 13 5.51 15.33 7.70
N THR C 14 5.41 16.17 6.69
CA THR C 14 5.56 15.75 5.30
C THR C 14 6.71 16.62 4.81
N ILE C 15 6.49 17.92 4.79
CA ILE C 15 7.53 18.83 4.32
C ILE C 15 8.39 19.33 5.47
N ILE C 16 7.72 19.70 6.56
CA ILE C 16 8.43 20.21 7.73
C ILE C 16 8.18 19.36 8.95
N ILE C 17 8.99 19.60 9.98
CA ILE C 17 8.83 18.90 11.23
C ILE C 17 8.52 20.01 12.22
N PHE C 18 7.33 19.99 12.76
CA PHE C 18 6.96 21.02 13.70
C PHE C 18 6.19 20.44 14.88
N HIS C 19 4.99 19.95 14.63
CA HIS C 19 4.17 19.37 15.68
C HIS C 19 4.86 18.15 16.30
N SER C 20 5.59 17.43 15.44
CA SER C 20 6.35 16.23 15.77
C SER C 20 7.31 16.50 16.94
N LEU C 21 7.79 17.74 17.02
CA LEU C 21 8.72 18.15 18.06
C LEU C 21 8.05 18.33 19.42
N LEU C 22 6.79 18.76 19.41
CA LEU C 22 6.05 18.99 20.65
C LEU C 22 5.47 17.74 21.31
N THR C 23 5.15 16.72 20.51
CA THR C 23 4.58 15.47 21.02
C THR C 23 5.67 14.50 21.42
N GLY C 24 6.90 14.84 21.03
CA GLY C 24 8.06 14.02 21.34
C GLY C 24 8.18 12.78 20.48
N THR C 25 7.27 12.59 19.53
CA THR C 25 7.33 11.42 18.68
C THR C 25 8.56 11.42 17.76
N PHE C 26 8.97 12.58 17.25
CA PHE C 26 10.14 12.58 16.39
C PHE C 26 11.38 12.19 17.19
N ALA C 27 11.67 12.97 18.24
CA ALA C 27 12.83 12.70 19.09
C ALA C 27 12.77 11.27 19.58
N SER C 28 11.56 10.78 19.82
CA SER C 28 11.38 9.43 20.29
C SER C 28 11.73 8.41 19.20
N ARG C 29 11.29 8.68 17.98
CA ARG C 29 11.53 7.78 16.87
C ARG C 29 12.96 7.77 16.34
N TYR C 30 13.64 8.92 16.37
CA TYR C 30 15.00 9.00 15.86
C TYR C 30 16.07 9.14 16.92
N GLY C 31 15.71 8.86 18.18
CA GLY C 31 16.67 8.93 19.26
C GLY C 31 17.30 10.29 19.56
N LYS C 32 16.47 11.32 19.65
CA LYS C 32 16.95 12.67 19.94
C LYS C 32 16.52 13.07 21.35
N ASP C 33 17.07 14.15 21.87
CA ASP C 33 16.73 14.59 23.22
C ASP C 33 15.33 15.21 23.21
N THR C 34 14.43 14.61 23.99
CA THR C 34 13.05 15.11 24.06
C THR C 34 12.97 16.55 24.61
N THR C 35 13.78 16.84 25.62
CA THR C 35 13.77 18.17 26.21
C THR C 35 14.15 19.23 25.16
N THR C 36 15.17 18.95 24.37
CA THR C 36 15.59 19.87 23.33
C THR C 36 14.48 19.94 22.30
N SER C 37 13.99 18.78 21.91
CA SER C 37 12.91 18.68 20.93
C SER C 37 11.80 19.65 21.25
N VAL C 38 11.24 19.53 22.45
CA VAL C 38 10.13 20.38 22.88
C VAL C 38 10.53 21.84 22.97
N ARG C 39 11.72 22.11 23.48
CA ARG C 39 12.17 23.49 23.59
C ARG C 39 12.10 24.15 22.21
N ILE C 40 12.68 23.47 21.23
CA ILE C 40 12.70 23.95 19.86
C ILE C 40 11.28 24.10 19.33
N GLY C 41 10.44 23.10 19.57
CA GLY C 41 9.06 23.15 19.11
C GLY C 41 8.32 24.38 19.61
N LEU C 42 8.54 24.73 20.88
CA LEU C 42 7.90 25.89 21.48
C LEU C 42 8.47 27.19 20.94
N MET C 43 9.79 27.23 20.74
CA MET C 43 10.44 28.41 20.20
C MET C 43 9.93 28.69 18.80
N MET C 44 9.85 27.66 17.98
CA MET C 44 9.36 27.82 16.60
C MET C 44 7.89 28.19 16.60
N GLU C 45 7.10 27.48 17.40
CA GLU C 45 5.69 27.77 17.50
C GLU C 45 5.50 29.27 17.72
N GLU C 46 6.21 29.80 18.71
CA GLU C 46 6.14 31.22 19.03
C GLU C 46 6.38 32.12 17.83
N MET C 47 7.51 31.91 17.16
CA MET C 47 7.85 32.71 16.00
C MET C 47 6.77 32.66 14.95
N ILE C 48 6.20 31.49 14.74
CA ILE C 48 5.17 31.35 13.74
C ILE C 48 3.99 32.24 14.09
N PHE C 49 3.49 32.13 15.32
CA PHE C 49 2.35 32.92 15.77
C PHE C 49 2.72 34.38 15.94
N ASN C 50 3.89 34.62 16.50
CA ASN C 50 4.32 35.98 16.70
C ASN C 50 4.44 36.72 15.37
N LEU C 51 4.83 36.02 14.31
CA LEU C 51 4.95 36.65 13.00
C LEU C 51 3.56 36.85 12.39
N ALA C 52 2.67 35.88 12.61
CA ALA C 52 1.32 35.97 12.09
C ALA C 52 0.62 37.18 12.69
N ASP C 53 0.59 37.27 14.01
CA ASP C 53 -0.05 38.39 14.68
C ASP C 53 0.50 39.71 14.15
N THR C 54 1.81 39.87 14.29
CA THR C 54 2.48 41.08 13.86
C THR C 54 2.29 41.55 12.42
N HIS C 55 2.68 40.73 11.45
CA HIS C 55 2.57 41.16 10.07
C HIS C 55 1.42 40.57 9.27
N LEU C 56 0.61 39.70 9.87
CA LEU C 56 -0.48 39.10 9.12
C LEU C 56 -1.86 39.22 9.79
N PHE C 57 -2.05 40.31 10.54
CA PHE C 57 -3.31 40.57 11.25
C PHE C 57 -3.98 39.30 11.73
N PHE C 58 -3.21 38.34 12.19
CA PHE C 58 -3.82 37.09 12.63
C PHE C 58 -4.90 37.37 13.66
N ASN C 59 -4.67 38.34 14.54
CA ASN C 59 -5.67 38.64 15.55
C ASN C 59 -7.02 38.98 14.92
N ASP C 60 -6.98 39.62 13.76
CA ASP C 60 -8.19 39.98 13.05
C ASP C 60 -8.68 38.76 12.26
N LEU C 61 -7.92 38.44 11.21
CA LEU C 61 -8.24 37.34 10.31
C LEU C 61 -8.44 35.96 10.91
N GLU C 62 -7.90 35.73 12.11
CA GLU C 62 -8.03 34.42 12.74
C GLU C 62 -9.46 33.99 12.88
N ASP C 63 -10.26 34.91 13.42
CA ASP C 63 -11.69 34.73 13.67
C ASP C 63 -12.47 34.33 12.41
N CYS C 64 -11.79 34.24 11.27
CA CYS C 64 -12.48 33.91 10.02
C CYS C 64 -11.61 33.47 8.87
N ASP C 65 -10.46 32.86 9.15
CA ASP C 65 -9.55 32.43 8.08
C ASP C 65 -10.29 31.88 6.85
N GLN C 66 -9.69 32.13 5.68
CA GLN C 66 -10.23 31.69 4.39
C GLN C 66 -9.62 30.36 3.95
N ILE C 67 -10.01 29.91 2.76
CA ILE C 67 -9.49 28.68 2.17
C ILE C 67 -8.35 29.04 1.23
N HIS C 68 -8.41 30.25 0.70
CA HIS C 68 -7.42 30.73 -0.24
C HIS C 68 -7.35 32.26 -0.16
N VAL C 69 -6.18 32.84 -0.44
CA VAL C 69 -5.97 34.28 -0.36
C VAL C 69 -6.88 35.18 -1.23
N ASP C 70 -7.25 34.71 -2.40
CA ASP C 70 -8.10 35.47 -3.31
C ASP C 70 -9.59 35.16 -3.14
N ASP C 71 -9.93 34.43 -2.09
CA ASP C 71 -11.33 34.06 -1.85
C ASP C 71 -12.31 35.20 -1.58
N VAL C 72 -11.79 36.42 -1.37
CA VAL C 72 -12.63 37.59 -1.12
C VAL C 72 -12.18 38.79 -1.95
N SER C 73 -11.50 38.53 -3.07
CA SER C 73 -10.99 39.56 -3.95
C SER C 73 -12.11 40.44 -4.50
N SER C 74 -13.33 39.91 -4.48
CA SER C 74 -14.53 40.59 -4.97
C SER C 74 -14.79 41.97 -4.33
N ASP C 75 -14.69 42.02 -3.00
CA ASP C 75 -14.93 43.23 -2.23
C ASP C 75 -13.62 44.01 -2.08
N ASP C 76 -13.18 44.63 -3.17
CA ASP C 76 -11.94 45.39 -3.17
C ASP C 76 -12.05 46.43 -4.27
N ASN C 77 -10.96 47.16 -4.50
CA ASN C 77 -10.93 48.19 -5.54
C ASN C 77 -9.56 48.36 -6.17
N GLY C 78 -8.62 47.48 -5.81
CA GLY C 78 -7.27 47.55 -6.38
C GLY C 78 -6.56 48.86 -6.06
N GLN C 79 -6.68 49.31 -4.82
CA GLN C 79 -6.08 50.55 -4.35
C GLN C 79 -4.68 50.29 -3.75
N ASP C 80 -3.96 51.38 -3.44
CA ASP C 80 -2.62 51.28 -2.84
C ASP C 80 -2.74 51.09 -1.31
N LEU C 81 -2.43 49.89 -0.84
CA LEU C 81 -2.52 49.58 0.59
C LEU C 81 -1.20 49.83 1.30
N SER C 82 -0.20 50.30 0.55
CA SER C 82 1.11 50.61 1.09
C SER C 82 0.95 51.88 1.94
N THR C 83 -0.13 52.60 1.68
CA THR C 83 -0.43 53.84 2.37
C THR C 83 -1.63 53.74 3.32
N TYR C 84 -2.58 52.85 2.99
CA TYR C 84 -3.78 52.66 3.83
C TYR C 84 -3.34 52.26 5.25
N ASN C 85 -3.97 52.89 6.25
CA ASN C 85 -3.67 52.58 7.65
C ASN C 85 -4.69 51.58 8.20
N PHE C 86 -4.22 50.37 8.50
CA PHE C 86 -5.08 49.31 9.00
C PHE C 86 -5.45 49.37 10.48
N SER C 87 -4.58 49.96 11.30
CA SER C 87 -4.91 50.07 12.72
C SER C 87 -6.20 50.88 12.79
N ALA C 88 -6.41 51.69 11.73
CA ALA C 88 -7.60 52.53 11.58
C ALA C 88 -8.86 51.72 11.83
N ASP C 89 -9.29 50.91 10.84
CA ASP C 89 -10.46 50.08 11.05
C ASP C 89 -10.51 48.71 10.39
N GLY C 90 -11.25 47.84 11.08
CA GLY C 90 -11.47 46.45 10.69
C GLY C 90 -12.10 45.76 11.90
N PHE C 91 -12.13 46.51 13.01
CA PHE C 91 -12.67 46.10 14.32
C PHE C 91 -12.92 44.60 14.57
N GLY C 108 -21.45 44.74 10.28
CA GLY C 108 -21.51 44.87 8.79
C GLY C 108 -21.16 43.60 8.03
N GLY C 109 -21.07 43.73 6.72
CA GLY C 109 -20.73 42.60 5.86
C GLY C 109 -20.81 43.03 4.41
N VAL C 110 -20.43 44.28 4.17
CA VAL C 110 -20.45 44.86 2.83
C VAL C 110 -19.25 45.76 2.69
N ASP C 111 -19.28 46.84 3.45
CA ASP C 111 -18.22 47.84 3.49
C ASP C 111 -17.15 47.25 4.38
N TRP C 112 -17.60 46.46 5.36
CA TRP C 112 -16.71 45.77 6.29
C TRP C 112 -15.82 44.83 5.46
N MET C 113 -16.44 44.15 4.51
CA MET C 113 -15.76 43.24 3.61
C MET C 113 -14.48 43.82 3.01
N ARG C 114 -14.61 44.87 2.19
CA ARG C 114 -13.44 45.47 1.56
C ARG C 114 -12.30 45.72 2.54
N LYS C 115 -12.64 46.02 3.79
CA LYS C 115 -11.59 46.26 4.80
C LYS C 115 -10.82 44.97 5.01
N LEU C 116 -11.58 43.87 5.09
CA LEU C 116 -11.01 42.55 5.28
C LEU C 116 -10.28 42.11 4.00
N ALA C 117 -10.97 42.19 2.87
CA ALA C 117 -10.37 41.80 1.60
C ALA C 117 -9.07 42.60 1.38
N PHE C 118 -8.96 43.76 2.02
CA PHE C 118 -7.78 44.61 1.91
C PHE C 118 -6.63 43.97 2.69
N ARG C 119 -7.00 43.23 3.74
CA ARG C 119 -6.02 42.55 4.58
C ARG C 119 -5.37 41.41 3.80
N TYR C 120 -6.19 40.56 3.17
CA TYR C 120 -5.66 39.45 2.38
C TYR C 120 -4.88 39.95 1.18
N ARG C 121 -5.25 41.12 0.66
CA ARG C 121 -4.53 41.68 -0.45
C ARG C 121 -3.16 42.08 0.08
N ARG C 122 -3.14 42.74 1.24
CA ARG C 122 -1.90 43.19 1.87
C ARG C 122 -1.00 42.02 2.28
N VAL C 123 -1.62 40.98 2.83
CA VAL C 123 -0.90 39.78 3.25
C VAL C 123 -0.21 39.21 2.01
N LYS C 124 -0.98 39.06 0.95
CA LYS C 124 -0.47 38.53 -0.31
C LYS C 124 0.79 39.30 -0.68
N GLU C 125 0.66 40.62 -0.73
CA GLU C 125 1.77 41.50 -1.10
C GLU C 125 3.06 41.17 -0.36
N MET C 126 2.99 41.23 0.96
CA MET C 126 4.15 40.96 1.80
C MET C 126 4.76 39.60 1.58
N TYR C 127 3.91 38.59 1.41
CA TYR C 127 4.40 37.25 1.17
C TYR C 127 5.30 37.32 -0.04
N ASN C 128 4.86 38.07 -1.05
CA ASN C 128 5.61 38.20 -2.29
C ASN C 128 6.82 39.11 -2.21
N THR C 129 6.84 40.01 -1.23
CA THR C 129 7.98 40.89 -1.09
C THR C 129 9.03 40.27 -0.17
N TYR C 130 8.60 39.36 0.70
CA TYR C 130 9.55 38.73 1.61
C TYR C 130 9.68 37.22 1.47
N LYS C 131 8.99 36.63 0.50
CA LYS C 131 9.08 35.19 0.33
C LYS C 131 10.55 34.76 0.32
N ASN C 132 11.43 35.66 -0.10
CA ASN C 132 12.86 35.35 -0.16
C ASN C 132 13.71 36.32 0.67
N ASN C 133 13.08 36.93 1.65
CA ASN C 133 13.75 37.86 2.52
C ASN C 133 13.00 37.86 3.84
N VAL C 134 12.79 36.66 4.36
CA VAL C 134 12.10 36.48 5.62
C VAL C 134 12.89 37.13 6.75
N GLY C 135 14.19 37.29 6.53
CA GLY C 135 15.01 37.91 7.54
C GLY C 135 14.74 39.40 7.62
N GLY C 136 14.46 40.01 6.46
CA GLY C 136 14.17 41.43 6.42
C GLY C 136 12.83 41.69 7.09
N LEU C 137 11.86 40.87 6.75
CA LEU C 137 10.52 41.00 7.30
C LEU C 137 10.54 40.88 8.82
N ILE C 138 11.04 39.75 9.27
CA ILE C 138 11.10 39.46 10.70
C ILE C 138 11.90 40.51 11.47
N GLY C 139 12.95 41.05 10.83
CA GLY C 139 13.77 42.05 11.46
C GLY C 139 14.79 41.48 12.42
N THR C 140 15.46 42.37 13.17
CA THR C 140 16.47 41.98 14.16
C THR C 140 15.96 42.36 15.55
N PRO C 141 16.32 41.62 16.60
CA PRO C 141 17.16 40.41 16.69
C PRO C 141 16.43 39.09 16.47
N LYS C 142 15.33 39.11 15.75
CA LYS C 142 14.59 37.89 15.50
C LYS C 142 15.25 37.06 14.41
N ARG C 143 15.85 37.71 13.41
CA ARG C 143 16.50 36.97 12.34
C ARG C 143 17.58 36.03 12.85
N GLU C 144 18.38 36.51 13.80
CA GLU C 144 19.47 35.76 14.39
C GLU C 144 18.98 34.58 15.21
N THR C 145 17.97 34.82 16.04
CA THR C 145 17.38 33.77 16.85
C THR C 145 16.84 32.69 15.91
N TRP C 146 16.21 33.15 14.83
CA TRP C 146 15.61 32.31 13.81
C TRP C 146 16.60 31.46 13.02
N LEU C 147 17.74 32.03 12.66
CA LEU C 147 18.73 31.27 11.93
C LEU C 147 19.34 30.23 12.87
N GLN C 148 19.56 30.62 14.12
CA GLN C 148 20.11 29.71 15.08
C GLN C 148 19.13 28.58 15.32
N LEU C 149 17.86 28.94 15.42
CA LEU C 149 16.81 27.97 15.65
C LEU C 149 16.76 26.92 14.54
N ARG C 150 16.68 27.40 13.29
CA ARG C 150 16.63 26.51 12.12
C ARG C 150 17.83 25.58 12.08
N ALA C 151 18.97 26.07 12.57
CA ALA C 151 20.19 25.28 12.62
C ALA C 151 19.98 24.14 13.61
N GLU C 152 19.50 24.46 14.81
CA GLU C 152 19.25 23.44 15.83
C GLU C 152 18.23 22.43 15.30
N LEU C 153 17.26 22.93 14.55
CA LEU C 153 16.22 22.10 13.99
C LEU C 153 16.78 21.13 12.95
N GLU C 154 17.51 21.64 11.97
CA GLU C 154 18.08 20.77 10.96
C GLU C 154 18.89 19.64 11.58
N ALA C 155 19.57 19.94 12.67
CA ALA C 155 20.40 18.98 13.36
C ALA C 155 19.56 17.91 14.02
N LEU C 156 18.56 18.35 14.78
CA LEU C 156 17.72 17.41 15.49
C LEU C 156 16.90 16.53 14.56
N THR C 157 16.42 17.11 13.46
CA THR C 157 15.60 16.39 12.50
C THR C 157 16.44 15.70 11.45
N ASP C 158 17.75 15.69 11.65
CA ASP C 158 18.65 15.07 10.70
C ASP C 158 18.40 15.46 9.26
N LEU C 159 18.31 16.77 9.04
CA LEU C 159 18.13 17.33 7.70
C LEU C 159 16.82 16.95 6.99
N TRP C 160 15.72 16.91 7.73
CA TRP C 160 14.46 16.54 7.12
C TRP C 160 14.10 17.55 6.02
N LEU C 161 14.16 18.83 6.36
CA LEU C 161 13.84 19.90 5.42
C LEU C 161 14.76 19.89 4.20
N THR C 162 16.03 19.55 4.40
CA THR C 162 16.98 19.48 3.29
C THR C 162 16.48 18.45 2.27
N HIS C 163 15.90 17.35 2.76
CA HIS C 163 15.38 16.30 1.89
C HIS C 163 14.09 16.70 1.18
N SER C 164 13.17 17.32 1.91
CA SER C 164 11.92 17.71 1.29
C SER C 164 12.17 18.77 0.24
N LEU C 165 13.05 19.72 0.56
CA LEU C 165 13.36 20.79 -0.40
C LEU C 165 13.92 20.30 -1.73
N LYS C 166 14.75 19.26 -1.70
CA LYS C 166 15.32 18.75 -2.94
C LYS C 166 14.20 18.33 -3.89
N ALA C 167 13.11 17.83 -3.32
CA ALA C 167 11.98 17.41 -4.12
C ALA C 167 11.18 18.63 -4.56
N LEU C 168 10.96 19.55 -3.63
CA LEU C 168 10.21 20.75 -3.94
C LEU C 168 10.85 21.57 -5.04
N ASN C 169 12.16 21.75 -4.98
CA ASN C 169 12.87 22.53 -5.99
C ASN C 169 12.96 21.83 -7.35
N LEU C 170 12.98 20.51 -7.35
CA LEU C 170 13.05 19.76 -8.60
C LEU C 170 11.71 19.91 -9.33
N ILE C 171 10.61 19.90 -8.56
CA ILE C 171 9.27 20.05 -9.11
C ILE C 171 9.13 21.47 -9.68
N ASN C 172 9.72 22.42 -8.98
CA ASN C 172 9.65 23.81 -9.39
C ASN C 172 10.40 24.07 -10.68
N SER C 173 11.64 23.62 -10.75
CA SER C 173 12.46 23.81 -11.94
C SER C 173 11.89 23.08 -13.14
N ARG C 174 11.45 21.84 -12.96
CA ARG C 174 10.87 21.11 -14.08
C ARG C 174 9.70 21.92 -14.63
N PRO C 175 9.69 22.14 -15.95
CA PRO C 175 8.70 22.90 -16.70
C PRO C 175 7.24 22.51 -16.54
N ASN C 176 6.94 21.22 -16.68
CA ASN C 176 5.57 20.75 -16.58
C ASN C 176 5.17 20.22 -15.21
N CYS C 177 5.70 20.86 -14.17
CA CYS C 177 5.40 20.44 -12.81
C CYS C 177 5.08 21.61 -11.92
N VAL C 178 4.07 21.40 -11.08
CA VAL C 178 3.57 22.42 -10.18
C VAL C 178 3.50 21.97 -8.71
N ASN C 179 3.85 22.88 -7.80
CA ASN C 179 3.76 22.59 -6.38
C ASN C 179 2.53 23.25 -5.81
N VAL C 180 1.68 22.45 -5.17
CA VAL C 180 0.47 22.93 -4.56
C VAL C 180 0.45 22.43 -3.12
N LEU C 181 -0.01 23.28 -2.21
CA LEU C 181 -0.05 22.90 -0.80
C LEU C 181 -1.47 22.88 -0.27
N VAL C 182 -1.79 21.86 0.53
CA VAL C 182 -3.10 21.72 1.15
C VAL C 182 -2.82 21.31 2.59
N THR C 183 -3.06 22.22 3.53
CA THR C 183 -2.82 21.94 4.93
C THR C 183 -4.01 22.21 5.84
N THR C 184 -4.13 21.43 6.91
CA THR C 184 -5.22 21.59 7.85
C THR C 184 -4.95 22.84 8.67
N THR C 185 -3.71 23.31 8.66
CA THR C 185 -3.34 24.50 9.40
C THR C 185 -4.16 25.67 8.87
N GLN C 186 -4.43 26.66 9.72
CA GLN C 186 -5.18 27.82 9.27
C GLN C 186 -4.30 28.62 8.31
N LEU C 187 -4.91 29.13 7.25
CA LEU C 187 -4.20 29.88 6.21
C LEU C 187 -3.17 30.91 6.65
N ILE C 188 -3.51 31.79 7.58
CA ILE C 188 -2.53 32.79 8.02
C ILE C 188 -1.33 32.15 8.71
N PRO C 189 -1.57 31.25 9.68
CA PRO C 189 -0.44 30.60 10.35
C PRO C 189 0.36 29.76 9.33
N ALA C 190 -0.36 29.11 8.41
CA ALA C 190 0.28 28.31 7.38
C ALA C 190 1.30 29.13 6.62
N LEU C 191 0.94 30.36 6.25
CA LEU C 191 1.88 31.22 5.52
C LEU C 191 3.06 31.56 6.41
N ALA C 192 2.82 31.64 7.71
CA ALA C 192 3.89 31.94 8.65
C ALA C 192 4.88 30.78 8.54
N LYS C 193 4.39 29.56 8.72
CA LYS C 193 5.21 28.34 8.61
C LYS C 193 5.96 28.32 7.28
N VAL C 194 5.21 28.39 6.19
CA VAL C 194 5.78 28.39 4.86
C VAL C 194 6.92 29.37 4.76
N LEU C 195 6.73 30.56 5.33
CA LEU C 195 7.77 31.57 5.31
C LEU C 195 8.93 31.25 6.24
N LEU C 196 8.61 30.94 7.49
CA LEU C 196 9.65 30.64 8.46
C LEU C 196 10.46 29.39 8.12
N TYR C 197 9.86 28.43 7.42
CA TYR C 197 10.60 27.23 7.04
C TYR C 197 11.22 27.35 5.65
N GLY C 198 11.22 28.58 5.12
CA GLY C 198 11.83 28.82 3.81
C GLY C 198 11.16 28.18 2.62
N LEU C 199 9.84 28.08 2.66
CA LEU C 199 9.07 27.46 1.58
C LEU C 199 8.41 28.50 0.67
N GLY C 200 8.60 29.77 0.99
CA GLY C 200 8.00 30.83 0.21
C GLY C 200 8.54 30.81 -1.20
N SER C 201 9.82 30.47 -1.31
CA SER C 201 10.50 30.42 -2.58
C SER C 201 9.94 29.34 -3.53
N VAL C 202 9.40 28.25 -2.99
CA VAL C 202 8.89 27.18 -3.84
C VAL C 202 7.39 27.15 -4.01
N PHE C 203 6.67 27.82 -3.11
CA PHE C 203 5.23 27.87 -3.18
C PHE C 203 4.65 29.21 -3.58
N PRO C 204 4.15 29.33 -4.81
CA PRO C 204 3.58 30.62 -5.19
C PRO C 204 2.40 30.86 -4.25
N ILE C 205 2.25 32.09 -3.78
CA ILE C 205 1.18 32.42 -2.84
C ILE C 205 -0.23 31.93 -3.20
N GLU C 206 -0.52 31.78 -4.49
CA GLU C 206 -1.86 31.34 -4.90
C GLU C 206 -2.02 29.83 -5.05
N ASN C 207 -1.05 29.08 -4.55
CA ASN C 207 -1.11 27.62 -4.62
C ASN C 207 -1.22 27.01 -3.22
N ILE C 208 -1.61 27.82 -2.25
CA ILE C 208 -1.74 27.36 -0.88
C ILE C 208 -3.22 27.32 -0.50
N TYR C 209 -3.63 26.20 0.09
CA TYR C 209 -5.00 25.99 0.52
C TYR C 209 -5.10 25.54 1.97
N SER C 210 -6.12 26.05 2.68
CA SER C 210 -6.33 25.67 4.07
C SER C 210 -7.58 24.81 4.15
N ALA C 211 -7.43 23.56 4.58
CA ALA C 211 -8.55 22.65 4.67
C ALA C 211 -9.21 22.65 6.05
N THR C 212 -9.00 23.70 6.83
CA THR C 212 -9.59 23.80 8.17
C THR C 212 -11.10 23.51 8.17
N LYS C 213 -11.86 24.29 7.41
CA LYS C 213 -13.31 24.12 7.31
C LYS C 213 -13.69 23.06 6.29
N THR C 214 -13.59 23.42 5.02
CA THR C 214 -13.95 22.54 3.92
C THR C 214 -13.40 21.12 3.96
N GLY C 215 -12.25 20.95 4.56
CA GLY C 215 -11.68 19.62 4.62
C GLY C 215 -10.84 19.40 3.37
N LYS C 216 -10.05 18.33 3.36
CA LYS C 216 -9.18 18.08 2.23
C LYS C 216 -9.85 17.51 0.99
N GLU C 217 -10.92 16.75 1.14
CA GLU C 217 -11.57 16.19 -0.04
C GLU C 217 -12.07 17.30 -0.97
N SER C 218 -12.74 18.30 -0.41
CA SER C 218 -13.26 19.40 -1.22
C SER C 218 -12.12 20.26 -1.78
N CYS C 219 -11.02 20.33 -1.04
CA CYS C 219 -9.87 21.10 -1.48
C CYS C 219 -9.21 20.41 -2.66
N PHE C 220 -9.20 19.08 -2.63
CA PHE C 220 -8.60 18.32 -3.70
C PHE C 220 -9.38 18.52 -4.99
N GLU C 221 -10.69 18.59 -4.85
CA GLU C 221 -11.57 18.77 -5.99
C GLU C 221 -11.41 20.18 -6.59
N ARG C 222 -11.38 21.19 -5.71
CA ARG C 222 -11.22 22.57 -6.16
C ARG C 222 -9.91 22.76 -6.95
N ILE C 223 -8.92 21.92 -6.64
CA ILE C 223 -7.65 22.00 -7.32
C ILE C 223 -7.73 21.30 -8.68
N MET C 224 -8.40 20.16 -8.73
CA MET C 224 -8.52 19.45 -10.00
C MET C 224 -9.32 20.28 -10.98
N GLN C 225 -10.38 20.91 -10.50
CA GLN C 225 -11.19 21.74 -11.37
C GLN C 225 -10.27 22.88 -11.81
N ARG C 226 -9.45 23.35 -10.87
CA ARG C 226 -8.55 24.43 -11.16
C ARG C 226 -7.51 24.07 -12.22
N PHE C 227 -6.88 22.91 -12.11
CA PHE C 227 -5.85 22.50 -13.06
C PHE C 227 -6.27 21.61 -14.22
N GLY C 228 -7.50 21.14 -14.22
CA GLY C 228 -7.94 20.31 -15.32
C GLY C 228 -7.96 18.82 -15.09
N ARG C 229 -8.50 18.10 -16.07
CA ARG C 229 -8.61 16.66 -15.95
C ARG C 229 -7.51 15.98 -16.72
N LYS C 230 -6.85 16.73 -17.60
CA LYS C 230 -5.77 16.16 -18.40
C LYS C 230 -4.45 16.18 -17.62
N ALA C 231 -4.46 16.83 -16.45
CA ALA C 231 -3.29 16.90 -15.59
C ALA C 231 -3.17 15.64 -14.72
N VAL C 232 -1.95 15.25 -14.38
CA VAL C 232 -1.73 14.07 -13.53
C VAL C 232 -1.41 14.52 -12.10
N TYR C 233 -2.35 14.28 -11.19
CA TYR C 233 -2.19 14.67 -9.80
C TYR C 233 -1.57 13.60 -8.96
N VAL C 234 -0.71 14.03 -8.04
CA VAL C 234 -0.05 13.13 -7.11
C VAL C 234 -0.20 13.78 -5.73
N VAL C 235 -0.84 13.07 -4.81
CA VAL C 235 -1.02 13.60 -3.46
C VAL C 235 0.09 13.05 -2.58
N ILE C 236 0.81 13.95 -1.91
CA ILE C 236 1.90 13.58 -1.02
C ILE C 236 1.57 13.87 0.44
N GLY C 237 1.76 12.89 1.30
CA GLY C 237 1.46 13.13 2.70
C GLY C 237 1.79 12.02 3.68
N ASP C 238 1.84 12.41 4.95
CA ASP C 238 2.13 11.49 6.04
C ASP C 238 0.83 11.07 6.72
N GLY C 239 -0.20 11.91 6.60
CA GLY C 239 -1.47 11.64 7.24
C GLY C 239 -2.57 10.90 6.49
N VAL C 240 -3.60 10.51 7.24
CA VAL C 240 -4.74 9.76 6.74
C VAL C 240 -5.75 10.61 5.96
N GLU C 241 -5.96 11.85 6.41
CA GLU C 241 -6.91 12.74 5.77
C GLU C 241 -6.55 12.94 4.30
N GLU C 242 -5.27 13.12 4.05
CA GLU C 242 -4.74 13.32 2.70
C GLU C 242 -4.94 12.08 1.85
N GLU C 243 -4.66 10.93 2.44
CA GLU C 243 -4.80 9.67 1.72
C GLU C 243 -6.25 9.35 1.38
N GLN C 244 -7.14 9.45 2.36
CA GLN C 244 -8.56 9.18 2.14
C GLN C 244 -9.09 10.04 0.99
N GLY C 245 -8.74 11.32 1.01
CA GLY C 245 -9.17 12.24 -0.03
C GLY C 245 -8.70 11.85 -1.42
N ALA C 246 -7.50 11.27 -1.52
CA ALA C 246 -6.97 10.87 -2.81
C ALA C 246 -7.81 9.72 -3.34
N LYS C 247 -8.40 8.95 -2.44
CA LYS C 247 -9.24 7.81 -2.82
C LYS C 247 -10.54 8.27 -3.45
N LYS C 248 -11.31 9.06 -2.72
CA LYS C 248 -12.58 9.55 -3.24
C LYS C 248 -12.40 10.19 -4.61
N HIS C 249 -11.17 10.58 -4.93
CA HIS C 249 -10.89 11.23 -6.21
C HIS C 249 -9.95 10.42 -7.08
N ASN C 250 -9.69 9.18 -6.66
CA ASN C 250 -8.81 8.29 -7.42
C ASN C 250 -7.55 8.99 -7.90
N MET C 251 -6.88 9.64 -6.95
CA MET C 251 -5.64 10.38 -7.21
C MET C 251 -4.48 9.62 -6.58
N PRO C 252 -3.49 9.19 -7.39
CA PRO C 252 -2.37 8.47 -6.78
C PRO C 252 -1.84 9.15 -5.52
N PHE C 253 -1.55 8.35 -4.49
CA PHE C 253 -1.06 8.88 -3.24
C PHE C 253 0.35 8.38 -2.96
N TRP C 254 1.23 9.32 -2.60
CA TRP C 254 2.60 8.97 -2.28
C TRP C 254 2.78 9.31 -0.80
N ARG C 255 2.83 8.28 0.04
CA ARG C 255 2.99 8.51 1.48
C ARG C 255 4.43 8.85 1.89
N ILE C 256 4.56 9.69 2.91
CA ILE C 256 5.87 10.09 3.41
C ILE C 256 5.97 9.74 4.88
N SER C 257 6.85 8.81 5.23
CA SER C 257 7.01 8.37 6.61
C SER C 257 8.40 8.60 7.17
N CYS C 258 9.36 8.79 6.29
CA CYS C 258 10.73 8.99 6.70
C CYS C 258 11.49 9.72 5.60
N HIS C 259 12.73 10.05 5.87
CA HIS C 259 13.56 10.75 4.89
C HIS C 259 13.63 9.91 3.61
N ALA C 260 13.81 8.61 3.77
CA ALA C 260 13.90 7.73 2.62
C ALA C 260 12.75 7.89 1.62
N ASP C 261 11.55 8.20 2.11
CA ASP C 261 10.41 8.36 1.21
C ASP C 261 10.54 9.62 0.37
N LEU C 262 11.10 10.65 0.97
CA LEU C 262 11.33 11.91 0.28
C LEU C 262 12.42 11.68 -0.77
N GLU C 263 13.36 10.77 -0.49
CA GLU C 263 14.43 10.49 -1.45
C GLU C 263 13.85 9.73 -2.64
N ALA C 264 13.02 8.75 -2.35
CA ALA C 264 12.38 7.95 -3.39
C ALA C 264 11.67 8.90 -4.36
N LEU C 265 11.01 9.90 -3.81
CA LEU C 265 10.29 10.89 -4.63
C LEU C 265 11.23 11.73 -5.48
N ARG C 266 12.32 12.20 -4.87
CA ARG C 266 13.29 13.01 -5.60
C ARG C 266 13.84 12.19 -6.76
N HIS C 267 14.10 10.91 -6.50
CA HIS C 267 14.65 10.01 -7.52
C HIS C 267 13.70 9.93 -8.72
N ALA C 268 12.42 9.71 -8.41
CA ALA C 268 11.36 9.63 -9.42
C ALA C 268 11.36 10.89 -10.26
N LEU C 269 11.39 12.03 -9.58
CA LEU C 269 11.40 13.34 -10.24
C LEU C 269 12.56 13.54 -11.21
N GLU C 270 13.69 12.96 -10.84
CA GLU C 270 14.92 13.06 -11.61
C GLU C 270 15.01 12.19 -12.87
N LEU C 271 14.17 11.16 -12.94
CA LEU C 271 14.21 10.21 -14.07
C LEU C 271 13.33 10.53 -15.28
N GLU C 272 12.32 11.37 -15.08
CA GLU C 272 11.35 11.66 -16.12
C GLU C 272 11.53 12.99 -16.85
N TYR C 273 11.28 12.94 -18.16
CA TYR C 273 11.37 14.11 -19.03
C TYR C 273 10.05 14.25 -19.77
N LEU C 274 9.33 15.35 -19.50
CA LEU C 274 8.04 15.62 -20.10
C LEU C 274 8.05 16.66 -21.20
N GLU D 4 -19.90 -0.50 7.71
CA GLU D 4 -20.36 -0.01 9.05
C GLU D 4 -19.84 -0.88 10.18
N ARG D 5 -18.75 -0.45 10.80
CA ARG D 5 -18.16 -1.17 11.92
C ARG D 5 -18.02 -0.19 13.05
N VAL D 6 -18.27 -0.66 14.27
CA VAL D 6 -18.15 0.19 15.45
C VAL D 6 -16.99 -0.37 16.28
N PHE D 7 -15.96 0.44 16.50
CA PHE D 7 -14.81 -0.02 17.26
C PHE D 7 -14.88 0.36 18.71
N VAL D 8 -14.97 -0.67 19.57
CA VAL D 8 -15.06 -0.48 21.01
C VAL D 8 -13.72 -0.74 21.68
N TRP D 9 -13.09 0.34 22.13
CA TRP D 9 -11.79 0.27 22.77
C TRP D 9 -11.72 0.30 24.28
N ASP D 10 -10.68 -0.33 24.82
CA ASP D 10 -10.40 -0.29 26.24
C ASP D 10 -9.41 0.90 26.30
N LEU D 11 -9.22 1.51 27.45
CA LEU D 11 -8.31 2.65 27.51
C LEU D 11 -6.93 2.28 28.01
N ASP D 12 -6.89 1.89 29.28
CA ASP D 12 -5.63 1.53 29.94
C ASP D 12 -4.90 0.32 29.38
N GLU D 13 -3.65 0.58 29.01
CA GLU D 13 -2.75 -0.44 28.50
C GLU D 13 -3.20 -1.08 27.18
N THR D 14 -4.07 -0.34 26.49
CA THR D 14 -4.55 -0.73 25.16
C THR D 14 -4.21 0.50 24.32
N ILE D 15 -4.93 1.60 24.54
CA ILE D 15 -4.66 2.83 23.81
C ILE D 15 -3.56 3.62 24.49
N ILE D 16 -3.52 3.58 25.82
CA ILE D 16 -2.52 4.35 26.55
C ILE D 16 -1.76 3.55 27.61
N ILE D 17 -0.61 4.09 27.97
CA ILE D 17 0.22 3.49 29.00
C ILE D 17 0.19 4.49 30.15
N PHE D 18 -0.40 4.06 31.26
CA PHE D 18 -0.50 4.92 32.43
C PHE D 18 -0.44 4.13 33.74
N HIS D 19 -1.43 3.26 33.96
CA HIS D 19 -1.43 2.46 35.19
C HIS D 19 -0.23 1.57 35.30
N SER D 20 0.27 1.02 34.19
CA SER D 20 1.40 0.13 34.23
C SER D 20 2.67 0.86 34.62
N LEU D 21 2.63 2.19 34.65
CA LEU D 21 3.79 2.97 35.02
C LEU D 21 3.85 3.02 36.55
N LEU D 22 2.69 2.87 37.16
CA LEU D 22 2.58 2.92 38.61
C LEU D 22 2.72 1.54 39.27
N THR D 23 2.25 0.50 38.60
CA THR D 23 2.32 -0.87 39.13
C THR D 23 3.68 -1.50 38.86
N GLY D 24 4.43 -0.89 37.93
CA GLY D 24 5.72 -1.40 37.59
C GLY D 24 5.72 -2.47 36.50
N THR D 25 4.57 -3.08 36.22
CA THR D 25 4.54 -4.13 35.19
C THR D 25 5.02 -3.66 33.84
N PHE D 26 4.93 -2.36 33.60
CA PHE D 26 5.40 -1.86 32.33
C PHE D 26 6.91 -1.96 32.24
N ALA D 27 7.57 -1.28 33.17
CA ALA D 27 9.01 -1.26 33.20
C ALA D 27 9.57 -2.66 33.17
N SER D 28 8.97 -3.56 33.92
CA SER D 28 9.46 -4.92 33.96
C SER D 28 9.23 -5.67 32.65
N ARG D 29 8.00 -5.66 32.15
CA ARG D 29 7.68 -6.36 30.93
C ARG D 29 8.42 -5.87 29.69
N TYR D 30 8.83 -4.59 29.70
CA TYR D 30 9.52 -4.01 28.55
C TYR D 30 10.97 -3.63 28.81
N GLY D 31 11.50 -4.03 29.95
CA GLY D 31 12.89 -3.74 30.27
C GLY D 31 13.23 -2.26 30.18
N LYS D 32 12.51 -1.46 30.96
CA LYS D 32 12.70 -0.03 31.00
C LYS D 32 13.11 0.35 32.42
N ASP D 33 13.69 1.53 32.61
CA ASP D 33 14.08 1.94 33.94
C ASP D 33 12.84 2.08 34.82
N THR D 34 12.73 1.21 35.82
CA THR D 34 11.59 1.20 36.73
C THR D 34 11.34 2.55 37.39
N THR D 35 12.41 3.24 37.78
CA THR D 35 12.31 4.54 38.44
C THR D 35 11.78 5.64 37.55
N THR D 36 12.28 5.70 36.33
CA THR D 36 11.83 6.67 35.36
C THR D 36 10.33 6.42 35.10
N SER D 37 9.93 5.17 35.11
CA SER D 37 8.53 4.81 34.88
C SER D 37 7.57 5.38 35.93
N VAL D 38 7.81 5.11 37.22
CA VAL D 38 6.92 5.65 38.24
C VAL D 38 6.95 7.16 38.27
N ARG D 39 8.13 7.75 38.11
CA ARG D 39 8.24 9.20 38.13
C ARG D 39 7.27 9.83 37.16
N ILE D 40 7.23 9.30 35.94
CA ILE D 40 6.34 9.83 34.92
C ILE D 40 4.91 9.49 35.31
N GLY D 41 4.70 8.23 35.69
CA GLY D 41 3.38 7.78 36.10
C GLY D 41 2.76 8.72 37.11
N LEU D 42 3.51 8.99 38.18
CA LEU D 42 3.06 9.89 39.25
C LEU D 42 2.84 11.30 38.73
N MET D 43 3.77 11.81 37.94
CA MET D 43 3.60 13.16 37.41
C MET D 43 2.37 13.25 36.50
N MET D 44 2.10 12.21 35.71
CA MET D 44 0.92 12.22 34.83
C MET D 44 -0.33 12.14 35.69
N GLU D 45 -0.32 11.23 36.65
CA GLU D 45 -1.45 11.06 37.56
C GLU D 45 -1.74 12.43 38.17
N GLU D 46 -0.67 13.11 38.56
CA GLU D 46 -0.73 14.44 39.14
C GLU D 46 -1.53 15.41 38.26
N MET D 47 -1.17 15.47 36.99
CA MET D 47 -1.83 16.36 36.04
C MET D 47 -3.25 15.94 35.73
N ILE D 48 -3.51 14.64 35.81
CA ILE D 48 -4.85 14.14 35.53
C ILE D 48 -5.84 14.69 36.56
N PHE D 49 -5.66 14.27 37.80
CA PHE D 49 -6.52 14.68 38.91
C PHE D 49 -6.54 16.17 39.12
N ASN D 50 -5.43 16.83 38.87
CA ASN D 50 -5.36 18.26 39.02
C ASN D 50 -6.36 18.88 38.04
N LEU D 51 -6.37 18.34 36.82
CA LEU D 51 -7.26 18.81 35.78
C LEU D 51 -8.71 18.53 36.14
N ALA D 52 -9.00 17.28 36.51
CA ALA D 52 -10.35 16.89 36.87
C ALA D 52 -10.91 17.78 37.96
N ASP D 53 -10.14 17.95 39.03
CA ASP D 53 -10.56 18.79 40.15
C ASP D 53 -10.73 20.23 39.69
N THR D 54 -9.62 20.84 39.34
CA THR D 54 -9.63 22.23 38.93
C THR D 54 -10.58 22.65 37.83
N HIS D 55 -10.85 21.77 36.87
CA HIS D 55 -11.72 22.17 35.77
C HIS D 55 -12.91 21.30 35.47
N LEU D 56 -12.99 20.11 36.08
CA LEU D 56 -14.10 19.22 35.78
C LEU D 56 -14.97 18.81 36.98
N PHE D 57 -15.02 19.66 38.00
CA PHE D 57 -15.82 19.42 39.20
C PHE D 57 -15.71 18.00 39.71
N PHE D 58 -14.49 17.46 39.73
CA PHE D 58 -14.31 16.10 40.19
C PHE D 58 -14.57 15.99 41.69
N ASN D 59 -14.25 17.04 42.44
CA ASN D 59 -14.46 17.03 43.89
C ASN D 59 -15.95 16.78 44.09
N ASP D 60 -16.75 17.38 43.20
CA ASP D 60 -18.21 17.26 43.24
C ASP D 60 -18.78 16.00 42.61
N LEU D 61 -18.09 15.41 41.63
CA LEU D 61 -18.60 14.22 40.95
C LEU D 61 -17.90 12.90 41.27
N GLU D 62 -16.81 12.97 42.03
CA GLU D 62 -16.03 11.78 42.40
C GLU D 62 -16.92 10.70 43.01
N ASP D 63 -18.04 11.14 43.58
CA ASP D 63 -19.02 10.28 44.23
C ASP D 63 -19.91 9.52 43.25
N CYS D 64 -20.65 10.28 42.43
CA CYS D 64 -21.56 9.70 41.44
C CYS D 64 -20.78 8.91 40.40
N ASP D 65 -21.48 7.96 39.78
CA ASP D 65 -20.88 7.11 38.75
C ASP D 65 -21.74 7.12 37.49
N GLN D 66 -21.69 8.27 36.81
CA GLN D 66 -22.40 8.52 35.56
C GLN D 66 -21.72 7.73 34.44
N ILE D 67 -22.52 7.12 33.58
CA ILE D 67 -21.99 6.31 32.47
C ILE D 67 -21.60 7.14 31.25
N HIS D 68 -22.51 8.01 30.83
CA HIS D 68 -22.33 8.83 29.65
C HIS D 68 -22.60 10.29 30.03
N VAL D 69 -22.04 11.24 29.30
CA VAL D 69 -22.26 12.66 29.63
C VAL D 69 -23.72 13.10 29.57
N ASP D 70 -24.35 12.83 28.43
CA ASP D 70 -25.74 13.21 28.20
C ASP D 70 -26.76 12.36 28.94
N ASP D 71 -26.36 11.81 30.08
CA ASP D 71 -27.27 10.97 30.82
C ASP D 71 -28.20 11.70 31.78
N VAL D 72 -28.02 13.01 31.94
CA VAL D 72 -28.89 13.80 32.81
C VAL D 72 -29.43 15.05 32.14
N SER D 73 -29.21 15.19 30.83
CA SER D 73 -29.65 16.36 30.07
C SER D 73 -31.10 16.78 30.34
N SER D 74 -31.97 15.81 30.61
CA SER D 74 -33.39 16.07 30.88
C SER D 74 -33.60 17.07 32.02
N ASP D 75 -32.68 17.06 32.99
CA ASP D 75 -32.75 17.94 34.14
C ASP D 75 -31.98 19.22 33.88
N ASP D 76 -32.11 19.76 32.67
CA ASP D 76 -31.42 20.98 32.32
C ASP D 76 -32.40 22.08 31.98
N ASN D 77 -31.89 23.29 31.78
CA ASN D 77 -32.72 24.42 31.43
C ASN D 77 -32.37 24.91 30.04
N GLY D 78 -31.35 24.29 29.44
CA GLY D 78 -30.94 24.73 28.12
C GLY D 78 -30.51 26.18 28.25
N GLN D 79 -30.08 26.50 29.46
CA GLN D 79 -29.64 27.84 29.83
C GLN D 79 -28.13 28.03 29.75
N ASP D 80 -27.70 29.12 29.12
CA ASP D 80 -26.29 29.46 28.95
C ASP D 80 -25.58 29.51 30.29
N LEU D 81 -24.79 28.48 30.57
CA LEU D 81 -24.05 28.37 31.84
C LEU D 81 -22.77 29.21 31.90
N SER D 82 -22.28 29.65 30.76
CA SER D 82 -21.07 30.48 30.72
C SER D 82 -21.18 31.53 31.82
N THR D 83 -22.34 32.16 31.91
CA THR D 83 -22.61 33.17 32.92
C THR D 83 -23.34 32.51 34.09
N TYR D 84 -22.64 31.63 34.80
CA TYR D 84 -23.21 30.92 35.94
C TYR D 84 -22.11 30.65 36.98
N ASN D 85 -22.48 30.63 38.26
CA ASN D 85 -21.52 30.39 39.32
C ASN D 85 -21.74 29.05 40.02
N PHE D 86 -20.79 28.14 39.85
CA PHE D 86 -20.87 26.79 40.42
C PHE D 86 -20.51 26.61 41.89
N SER D 87 -19.53 27.37 42.37
CA SER D 87 -19.13 27.24 43.78
C SER D 87 -20.27 27.73 44.66
N ALA D 88 -21.00 28.72 44.15
CA ALA D 88 -22.13 29.30 44.86
C ALA D 88 -23.44 28.73 44.33
N ASP D 89 -23.78 27.54 44.81
CA ASP D 89 -25.02 26.88 44.44
C ASP D 89 -25.21 25.69 45.38
N GLY D 90 -24.34 25.63 46.39
CA GLY D 90 -24.41 24.59 47.39
C GLY D 90 -24.61 23.18 46.88
N PHE D 91 -23.84 22.78 45.88
CA PHE D 91 -23.95 21.44 45.33
C PHE D 91 -23.02 20.52 46.12
N HIS D 92 -23.46 19.27 46.31
CA HIS D 92 -22.69 18.30 47.07
C HIS D 92 -23.02 16.85 46.71
N GLY D 108 -36.53 20.81 44.89
CA GLY D 108 -35.24 20.55 45.61
C GLY D 108 -34.28 19.66 44.84
N GLY D 109 -34.66 18.39 44.67
CA GLY D 109 -33.83 17.45 43.93
C GLY D 109 -33.89 17.77 42.46
N VAL D 110 -34.92 18.53 42.07
CA VAL D 110 -35.09 18.95 40.68
C VAL D 110 -34.02 19.98 40.35
N ASP D 111 -33.62 20.74 41.36
CA ASP D 111 -32.59 21.76 41.20
C ASP D 111 -31.25 21.04 41.29
N TRP D 112 -31.14 20.12 42.23
CA TRP D 112 -29.93 19.35 42.42
C TRP D 112 -29.59 18.69 41.07
N MET D 113 -30.58 18.04 40.48
CA MET D 113 -30.38 17.41 39.18
C MET D 113 -30.04 18.47 38.14
N ARG D 114 -30.77 19.59 38.15
CA ARG D 114 -30.49 20.64 37.20
C ARG D 114 -29.05 21.09 37.41
N LYS D 115 -28.53 20.89 38.62
CA LYS D 115 -27.16 21.28 38.92
C LYS D 115 -26.19 20.25 38.34
N LEU D 116 -26.50 18.98 38.59
CA LEU D 116 -25.68 17.87 38.10
C LEU D 116 -25.64 17.94 36.57
N ALA D 117 -26.81 18.05 35.94
CA ALA D 117 -26.87 18.13 34.50
C ALA D 117 -26.07 19.34 34.01
N PHE D 118 -26.02 20.40 34.81
CA PHE D 118 -25.27 21.59 34.44
C PHE D 118 -23.77 21.29 34.46
N ARG D 119 -23.32 20.68 35.57
CA ARG D 119 -21.92 20.30 35.73
C ARG D 119 -21.44 19.59 34.45
N TYR D 120 -22.18 18.55 34.05
CA TYR D 120 -21.84 17.77 32.88
C TYR D 120 -21.89 18.51 31.55
N ARG D 121 -22.89 19.38 31.35
CA ARG D 121 -22.96 20.11 30.09
C ARG D 121 -21.77 21.04 30.05
N ARG D 122 -21.35 21.49 31.23
CA ARG D 122 -20.22 22.39 31.39
C ARG D 122 -18.97 21.67 30.92
N VAL D 123 -18.71 20.53 31.56
CA VAL D 123 -17.58 19.68 31.23
C VAL D 123 -17.59 19.42 29.73
N LYS D 124 -18.76 19.06 29.21
CA LYS D 124 -18.92 18.76 27.79
C LYS D 124 -18.54 19.94 26.89
N GLU D 125 -18.95 21.14 27.29
CA GLU D 125 -18.63 22.34 26.53
C GLU D 125 -17.14 22.60 26.49
N MET D 126 -16.47 22.33 27.61
CA MET D 126 -15.03 22.55 27.68
C MET D 126 -14.24 21.48 26.91
N TYR D 127 -14.72 20.24 26.96
CA TYR D 127 -14.07 19.15 26.25
C TYR D 127 -14.03 19.49 24.77
N ASN D 128 -15.15 19.97 24.25
CA ASN D 128 -15.24 20.31 22.84
C ASN D 128 -14.48 21.54 22.39
N THR D 129 -14.26 22.50 23.29
CA THR D 129 -13.55 23.69 22.87
C THR D 129 -12.06 23.55 23.15
N TYR D 130 -11.70 22.69 24.11
CA TYR D 130 -10.30 22.48 24.46
C TYR D 130 -9.69 21.16 24.04
N LYS D 131 -10.45 20.27 23.42
CA LYS D 131 -9.91 18.98 23.02
C LYS D 131 -8.71 19.09 22.10
N ASN D 132 -8.60 20.20 21.39
CA ASN D 132 -7.47 20.43 20.49
C ASN D 132 -6.67 21.65 20.93
N ASN D 133 -6.76 21.98 22.21
CA ASN D 133 -6.07 23.13 22.77
C ASN D 133 -5.94 22.97 24.30
N VAL D 134 -5.45 21.80 24.71
CA VAL D 134 -5.28 21.50 26.13
C VAL D 134 -4.57 22.62 26.86
N GLY D 135 -3.52 23.15 26.26
CA GLY D 135 -2.80 24.23 26.90
C GLY D 135 -3.72 25.40 27.22
N GLY D 136 -4.71 25.62 26.36
CA GLY D 136 -5.63 26.72 26.57
C GLY D 136 -6.46 26.53 27.83
N LEU D 137 -6.64 25.27 28.22
CA LEU D 137 -7.42 24.95 29.39
C LEU D 137 -6.61 24.88 30.69
N ILE D 138 -5.41 24.30 30.65
CA ILE D 138 -4.62 24.17 31.87
C ILE D 138 -3.66 25.31 32.18
N GLY D 139 -3.48 26.24 31.24
CA GLY D 139 -2.59 27.34 31.48
C GLY D 139 -1.25 27.19 30.80
N THR D 140 -0.43 28.23 30.80
CA THR D 140 0.87 28.19 30.14
C THR D 140 1.94 27.40 30.90
N PRO D 141 2.18 27.75 32.18
CA PRO D 141 3.21 26.99 32.89
C PRO D 141 2.94 25.49 32.78
N LYS D 142 1.73 25.09 33.17
CA LYS D 142 1.33 23.69 33.14
C LYS D 142 1.43 23.04 31.77
N ARG D 143 1.12 23.80 30.74
CA ARG D 143 1.17 23.27 29.38
C ARG D 143 2.54 22.71 29.00
N GLU D 144 3.59 23.50 29.23
CA GLU D 144 4.94 23.09 28.90
C GLU D 144 5.36 21.86 29.68
N THR D 145 5.01 21.83 30.95
CA THR D 145 5.33 20.68 31.77
C THR D 145 4.68 19.45 31.14
N TRP D 146 3.43 19.65 30.75
CA TRP D 146 2.63 18.61 30.13
C TRP D 146 3.30 18.12 28.87
N LEU D 147 3.70 19.04 28.00
CA LEU D 147 4.37 18.66 26.76
C LEU D 147 5.65 17.91 27.09
N GLN D 148 6.45 18.46 27.99
CA GLN D 148 7.70 17.84 28.38
C GLN D 148 7.49 16.41 28.88
N LEU D 149 6.40 16.21 29.61
CA LEU D 149 6.09 14.90 30.18
C LEU D 149 5.62 13.95 29.09
N ARG D 150 4.83 14.47 28.18
CA ARG D 150 4.31 13.67 27.09
C ARG D 150 5.47 13.16 26.27
N ALA D 151 6.42 14.05 25.98
CA ALA D 151 7.61 13.73 25.20
C ALA D 151 8.42 12.58 25.82
N GLU D 152 8.71 12.66 27.12
CA GLU D 152 9.46 11.60 27.81
C GLU D 152 8.72 10.27 27.71
N LEU D 153 7.45 10.30 28.06
CA LEU D 153 6.61 9.12 28.03
C LEU D 153 6.65 8.44 26.67
N GLU D 154 6.56 9.24 25.62
CA GLU D 154 6.56 8.72 24.25
C GLU D 154 7.86 8.01 23.90
N ALA D 155 8.95 8.47 24.52
CA ALA D 155 10.26 7.89 24.29
C ALA D 155 10.37 6.61 25.14
N LEU D 156 9.84 6.65 26.36
CA LEU D 156 9.88 5.51 27.25
C LEU D 156 9.02 4.36 26.76
N THR D 157 7.88 4.69 26.17
CA THR D 157 6.96 3.67 25.69
C THR D 157 7.17 3.31 24.23
N ASP D 158 8.22 3.85 23.65
CA ASP D 158 8.53 3.59 22.24
C ASP D 158 7.38 3.83 21.28
N LEU D 159 6.84 5.05 21.31
CA LEU D 159 5.77 5.46 20.41
C LEU D 159 4.41 4.76 20.53
N TRP D 160 4.06 4.26 21.72
CA TRP D 160 2.78 3.59 21.91
C TRP D 160 1.59 4.45 21.47
N LEU D 161 1.42 5.59 22.13
CA LEU D 161 0.32 6.51 21.82
C LEU D 161 0.34 6.90 20.35
N THR D 162 1.53 7.16 19.83
CA THR D 162 1.66 7.53 18.44
C THR D 162 1.04 6.43 17.60
N HIS D 163 1.36 5.19 17.96
CA HIS D 163 0.85 4.04 17.23
C HIS D 163 -0.66 3.86 17.39
N SER D 164 -1.16 3.93 18.62
CA SER D 164 -2.59 3.76 18.82
C SER D 164 -3.36 4.90 18.14
N LEU D 165 -2.79 6.10 18.16
CA LEU D 165 -3.45 7.23 17.52
C LEU D 165 -3.58 7.00 16.01
N LYS D 166 -2.58 6.36 15.40
CA LYS D 166 -2.62 6.08 13.96
C LYS D 166 -3.81 5.18 13.67
N ALA D 167 -3.98 4.15 14.49
CA ALA D 167 -5.08 3.23 14.32
C ALA D 167 -6.41 3.98 14.43
N LEU D 168 -6.56 4.75 15.50
CA LEU D 168 -7.77 5.53 15.75
C LEU D 168 -8.11 6.47 14.60
N ASN D 169 -7.13 7.24 14.14
CA ASN D 169 -7.36 8.17 13.05
C ASN D 169 -7.71 7.45 11.78
N LEU D 170 -7.21 6.24 11.65
CA LEU D 170 -7.47 5.42 10.47
C LEU D 170 -8.96 5.08 10.45
N ILE D 171 -9.49 4.74 11.62
CA ILE D 171 -10.90 4.38 11.79
C ILE D 171 -11.73 5.63 11.56
N ASN D 172 -11.18 6.75 11.98
CA ASN D 172 -11.85 8.03 11.84
C ASN D 172 -12.19 8.29 10.39
N SER D 173 -11.14 8.57 9.61
CA SER D 173 -11.27 8.85 8.18
C SER D 173 -12.14 7.83 7.44
N ARG D 174 -12.20 6.60 7.95
CA ARG D 174 -13.04 5.59 7.33
C ARG D 174 -14.47 6.10 7.44
N PRO D 175 -15.11 6.29 6.29
CA PRO D 175 -16.48 6.79 6.15
C PRO D 175 -17.58 6.15 7.01
N ASN D 176 -17.63 4.82 7.05
CA ASN D 176 -18.67 4.17 7.84
C ASN D 176 -18.20 3.45 9.07
N CYS D 177 -17.08 3.91 9.62
CA CYS D 177 -16.54 3.32 10.82
C CYS D 177 -16.39 4.41 11.87
N VAL D 178 -16.63 4.03 13.12
CA VAL D 178 -16.55 4.96 14.22
C VAL D 178 -15.82 4.36 15.45
N ASN D 179 -15.28 5.25 16.29
CA ASN D 179 -14.55 4.83 17.49
C ASN D 179 -15.36 5.11 18.75
N VAL D 180 -15.42 4.11 19.62
CA VAL D 180 -16.14 4.24 20.88
C VAL D 180 -15.21 3.81 22.00
N LEU D 181 -15.32 4.44 23.15
CA LEU D 181 -14.47 4.11 24.29
C LEU D 181 -15.26 3.54 25.44
N VAL D 182 -14.74 2.48 26.04
CA VAL D 182 -15.39 1.86 27.18
C VAL D 182 -14.28 1.54 28.15
N THR D 183 -14.21 2.32 29.22
CA THR D 183 -13.17 2.13 30.22
C THR D 183 -13.79 1.95 31.59
N THR D 184 -13.07 1.28 32.48
CA THR D 184 -13.55 1.04 33.84
C THR D 184 -13.21 2.21 34.75
N THR D 185 -12.71 3.28 34.16
CA THR D 185 -12.36 4.49 34.90
C THR D 185 -13.64 5.30 35.05
N GLN D 186 -13.79 6.03 36.15
CA GLN D 186 -14.99 6.85 36.31
C GLN D 186 -15.02 7.80 35.13
N LEU D 187 -16.22 8.19 34.71
CA LEU D 187 -16.36 9.10 33.58
C LEU D 187 -15.49 10.36 33.63
N ILE D 188 -15.53 11.12 34.73
CA ILE D 188 -14.72 12.34 34.80
C ILE D 188 -13.21 12.10 34.70
N PRO D 189 -12.65 11.20 35.51
CA PRO D 189 -11.20 10.98 35.40
C PRO D 189 -10.87 10.56 33.96
N ALA D 190 -11.71 9.68 33.41
CA ALA D 190 -11.52 9.20 32.04
C ALA D 190 -11.40 10.35 31.04
N LEU D 191 -12.27 11.36 31.15
CA LEU D 191 -12.22 12.50 30.24
C LEU D 191 -10.92 13.28 30.42
N ALA D 192 -10.46 13.37 31.67
CA ALA D 192 -9.20 14.07 31.95
C ALA D 192 -8.08 13.31 31.25
N LYS D 193 -8.11 11.98 31.34
CA LYS D 193 -7.10 11.14 30.71
C LYS D 193 -7.12 11.41 29.21
N VAL D 194 -8.28 11.19 28.60
CA VAL D 194 -8.44 11.42 27.16
C VAL D 194 -7.90 12.76 26.65
N LEU D 195 -8.15 13.86 27.36
CA LEU D 195 -7.65 15.16 26.93
C LEU D 195 -6.14 15.24 27.05
N LEU D 196 -5.63 14.84 28.20
CA LEU D 196 -4.19 14.88 28.46
C LEU D 196 -3.35 13.94 27.59
N TYR D 197 -3.98 12.92 27.02
CA TYR D 197 -3.29 11.98 26.15
C TYR D 197 -3.57 12.30 24.69
N GLY D 198 -4.11 13.48 24.44
CA GLY D 198 -4.40 13.91 23.09
C GLY D 198 -5.41 13.08 22.34
N LEU D 199 -6.28 12.40 23.08
CA LEU D 199 -7.31 11.57 22.47
C LEU D 199 -8.63 12.30 22.27
N GLY D 200 -8.77 13.48 22.89
CA GLY D 200 -10.00 14.25 22.74
C GLY D 200 -10.39 14.52 21.30
N SER D 201 -9.39 14.75 20.45
CA SER D 201 -9.65 15.01 19.04
C SER D 201 -10.14 13.80 18.27
N VAL D 202 -9.86 12.61 18.81
CA VAL D 202 -10.26 11.37 18.15
C VAL D 202 -11.59 10.80 18.66
N PHE D 203 -11.92 11.10 19.91
CA PHE D 203 -13.16 10.61 20.49
C PHE D 203 -14.18 11.72 20.74
N PRO D 204 -15.37 11.59 20.14
CA PRO D 204 -16.37 12.63 20.39
C PRO D 204 -16.86 12.38 21.82
N ILE D 205 -17.00 13.44 22.60
CA ILE D 205 -17.44 13.33 24.00
C ILE D 205 -18.57 12.29 24.21
N GLU D 206 -19.53 12.23 23.29
CA GLU D 206 -20.63 11.28 23.43
C GLU D 206 -20.34 9.89 22.92
N ASN D 207 -19.06 9.56 22.79
CA ASN D 207 -18.66 8.23 22.34
C ASN D 207 -17.83 7.59 23.42
N ILE D 208 -17.91 8.15 24.61
CA ILE D 208 -17.15 7.64 25.73
C ILE D 208 -18.08 7.07 26.79
N TYR D 209 -17.80 5.85 27.24
CA TYR D 209 -18.61 5.20 28.25
C TYR D 209 -17.80 4.68 29.41
N SER D 210 -18.27 4.99 30.62
CA SER D 210 -17.62 4.57 31.85
C SER D 210 -18.28 3.28 32.33
N ALA D 211 -17.55 2.17 32.27
CA ALA D 211 -18.07 0.88 32.67
C ALA D 211 -18.09 0.68 34.19
N THR D 212 -17.77 1.73 34.95
CA THR D 212 -17.75 1.62 36.42
C THR D 212 -19.15 1.31 37.00
N LYS D 213 -20.19 1.90 36.40
CA LYS D 213 -21.53 1.67 36.88
C LYS D 213 -22.04 0.25 36.69
N THR D 214 -22.21 -0.16 35.43
CA THR D 214 -22.74 -1.48 35.15
C THR D 214 -21.83 -2.54 34.51
N GLY D 215 -20.55 -2.25 34.35
CA GLY D 215 -19.67 -3.24 33.74
C GLY D 215 -19.60 -3.16 32.22
N LYS D 216 -18.47 -3.59 31.66
CA LYS D 216 -18.26 -3.52 30.23
C LYS D 216 -19.29 -4.26 29.38
N GLU D 217 -19.78 -5.39 29.86
CA GLU D 217 -20.77 -6.14 29.09
C GLU D 217 -22.05 -5.32 28.96
N SER D 218 -22.44 -4.67 30.04
CA SER D 218 -23.64 -3.85 30.05
C SER D 218 -23.43 -2.69 29.05
N CYS D 219 -22.27 -2.07 29.13
CA CYS D 219 -21.97 -0.96 28.24
C CYS D 219 -21.96 -1.42 26.79
N PHE D 220 -21.46 -2.63 26.55
CA PHE D 220 -21.39 -3.17 25.18
C PHE D 220 -22.79 -3.35 24.65
N GLU D 221 -23.70 -3.73 25.53
CA GLU D 221 -25.07 -3.90 25.12
C GLU D 221 -25.65 -2.54 24.78
N ARG D 222 -25.43 -1.55 25.65
CA ARG D 222 -25.96 -0.22 25.39
C ARG D 222 -25.52 0.31 24.04
N ILE D 223 -24.25 0.05 23.72
CA ILE D 223 -23.71 0.51 22.46
C ILE D 223 -24.35 -0.18 21.26
N MET D 224 -24.66 -1.47 21.40
CA MET D 224 -25.28 -2.21 20.32
C MET D 224 -26.70 -1.71 20.09
N GLN D 225 -27.32 -1.22 21.16
CA GLN D 225 -28.66 -0.69 21.05
C GLN D 225 -28.56 0.65 20.34
N ARG D 226 -27.47 1.38 20.59
CA ARG D 226 -27.25 2.69 20.00
C ARG D 226 -26.92 2.73 18.51
N PHE D 227 -26.23 1.72 17.98
CA PHE D 227 -25.87 1.74 16.55
C PHE D 227 -26.62 0.78 15.65
N GLY D 228 -27.35 -0.16 16.25
CA GLY D 228 -28.10 -1.10 15.43
C GLY D 228 -27.53 -2.49 15.45
N ARG D 229 -28.25 -3.41 14.82
CA ARG D 229 -27.85 -4.80 14.75
C ARG D 229 -27.27 -5.12 13.38
N LYS D 230 -27.23 -4.11 12.52
CA LYS D 230 -26.69 -4.30 11.17
C LYS D 230 -25.19 -4.05 11.14
N ALA D 231 -24.68 -3.32 12.13
CA ALA D 231 -23.26 -3.02 12.21
C ALA D 231 -22.52 -4.11 12.97
N VAL D 232 -21.24 -4.32 12.66
CA VAL D 232 -20.46 -5.32 13.39
C VAL D 232 -19.63 -4.55 14.41
N TYR D 233 -19.62 -5.04 15.63
CA TYR D 233 -18.89 -4.39 16.70
C TYR D 233 -17.58 -5.11 16.97
N VAL D 234 -16.47 -4.37 16.89
CA VAL D 234 -15.16 -4.95 17.12
C VAL D 234 -14.62 -4.43 18.43
N VAL D 235 -14.52 -5.34 19.41
CA VAL D 235 -14.01 -4.96 20.72
C VAL D 235 -12.50 -5.15 20.72
N ILE D 236 -11.81 -4.14 21.26
CA ILE D 236 -10.35 -4.16 21.34
C ILE D 236 -9.86 -3.91 22.76
N GLY D 237 -8.94 -4.75 23.23
CA GLY D 237 -8.44 -4.57 24.57
C GLY D 237 -7.49 -5.63 25.09
N ASP D 238 -6.82 -5.26 26.18
CA ASP D 238 -5.85 -6.12 26.85
C ASP D 238 -6.42 -6.90 28.04
N GLY D 239 -7.58 -6.47 28.55
CA GLY D 239 -8.18 -7.14 29.70
C GLY D 239 -9.21 -8.21 29.41
N VAL D 240 -9.68 -8.91 30.45
CA VAL D 240 -10.67 -9.98 30.30
C VAL D 240 -12.14 -9.57 30.41
N GLU D 241 -12.41 -8.47 31.11
CA GLU D 241 -13.80 -8.04 31.21
C GLU D 241 -14.18 -7.77 29.78
N GLU D 242 -13.32 -7.02 29.10
CA GLU D 242 -13.47 -6.63 27.71
C GLU D 242 -13.63 -7.88 26.84
N GLU D 243 -12.75 -8.85 27.06
CA GLU D 243 -12.75 -10.08 26.28
C GLU D 243 -13.98 -10.97 26.48
N GLN D 244 -14.32 -11.25 27.72
CA GLN D 244 -15.47 -12.08 28.00
C GLN D 244 -16.80 -11.42 27.67
N GLY D 245 -16.81 -10.09 27.70
CA GLY D 245 -18.02 -9.37 27.38
C GLY D 245 -18.30 -9.33 25.88
N ALA D 246 -17.24 -9.39 25.07
CA ALA D 246 -17.42 -9.37 23.62
C ALA D 246 -17.80 -10.77 23.18
N LYS D 247 -17.29 -11.76 23.88
CA LYS D 247 -17.58 -13.15 23.54
C LYS D 247 -19.01 -13.52 23.90
N LYS D 248 -19.54 -12.91 24.96
CA LYS D 248 -20.90 -13.16 25.38
C LYS D 248 -21.88 -12.73 24.30
N HIS D 249 -21.52 -11.71 23.52
CA HIS D 249 -22.38 -11.21 22.46
C HIS D 249 -21.89 -11.58 21.08
N ASN D 250 -20.90 -12.47 21.03
CA ASN D 250 -20.34 -12.91 19.76
C ASN D 250 -19.82 -11.76 18.93
N MET D 251 -19.18 -10.80 19.59
CA MET D 251 -18.59 -9.66 18.91
C MET D 251 -17.12 -9.95 18.77
N PRO D 252 -16.58 -9.87 17.53
CA PRO D 252 -15.16 -10.16 17.41
C PRO D 252 -14.32 -9.38 18.42
N PHE D 253 -13.28 -10.03 18.91
CA PHE D 253 -12.39 -9.42 19.88
C PHE D 253 -10.92 -9.51 19.45
N TRP D 254 -10.15 -8.49 19.78
CA TRP D 254 -8.72 -8.45 19.47
C TRP D 254 -7.97 -8.24 20.77
N ARG D 255 -7.22 -9.25 21.20
CA ARG D 255 -6.47 -9.16 22.44
C ARG D 255 -5.11 -8.50 22.25
N ILE D 256 -4.98 -7.27 22.76
CA ILE D 256 -3.75 -6.50 22.66
C ILE D 256 -2.94 -6.72 23.94
N SER D 257 -2.18 -7.81 23.98
CA SER D 257 -1.37 -8.15 25.14
C SER D 257 -0.07 -7.38 25.27
N CYS D 258 0.45 -6.85 24.17
CA CYS D 258 1.70 -6.10 24.21
C CYS D 258 1.74 -5.12 23.07
N HIS D 259 2.82 -4.34 23.01
CA HIS D 259 3.01 -3.33 21.99
C HIS D 259 2.94 -3.94 20.60
N ALA D 260 3.61 -5.07 20.41
CA ALA D 260 3.61 -5.73 19.10
C ALA D 260 2.20 -5.97 18.61
N ASP D 261 1.32 -6.42 19.51
CA ASP D 261 -0.09 -6.68 19.15
C ASP D 261 -0.77 -5.39 18.66
N LEU D 262 -0.40 -4.28 19.28
CA LEU D 262 -0.95 -2.98 18.92
C LEU D 262 -0.60 -2.70 17.45
N GLU D 263 0.68 -2.83 17.10
CA GLU D 263 1.13 -2.58 15.74
C GLU D 263 0.57 -3.60 14.77
N ALA D 264 0.33 -4.83 15.23
CA ALA D 264 -0.24 -5.87 14.37
C ALA D 264 -1.66 -5.45 14.01
N LEU D 265 -2.35 -4.85 14.96
CA LEU D 265 -3.71 -4.37 14.77
C LEU D 265 -3.73 -3.15 13.86
N ARG D 266 -2.79 -2.23 14.06
CA ARG D 266 -2.71 -1.03 13.22
C ARG D 266 -2.49 -1.45 11.77
N HIS D 267 -1.64 -2.45 11.60
CA HIS D 267 -1.34 -2.96 10.27
C HIS D 267 -2.59 -3.56 9.63
N ALA D 268 -3.37 -4.28 10.43
CA ALA D 268 -4.61 -4.91 9.97
C ALA D 268 -5.57 -3.84 9.48
N LEU D 269 -5.65 -2.75 10.22
CA LEU D 269 -6.51 -1.64 9.84
C LEU D 269 -6.00 -0.99 8.55
N GLU D 270 -4.69 -0.97 8.35
CA GLU D 270 -4.12 -0.39 7.15
C GLU D 270 -4.60 -1.12 5.91
N LEU D 271 -4.61 -2.46 5.96
CA LEU D 271 -5.03 -3.28 4.83
C LEU D 271 -6.53 -3.46 4.76
N GLU D 272 -7.24 -2.95 5.75
CA GLU D 272 -8.69 -3.09 5.80
C GLU D 272 -9.06 -4.54 6.02
N TYR D 273 -8.09 -5.31 6.51
CA TYR D 273 -8.28 -6.72 6.85
C TYR D 273 -9.22 -6.65 8.04
N LEU D 274 -9.19 -5.49 8.67
CA LEU D 274 -10.01 -5.15 9.82
C LEU D 274 -10.41 -3.68 9.59
AL AF3 E . -0.46 -18.42 -8.60
F1 AF3 E . 1.00 -17.58 -8.42
F2 AF3 E . -1.68 -17.77 -9.56
F3 AF3 E . -0.68 -19.93 -7.85
MG MG F . 2.05 -16.42 -6.89
AL AF3 G . 17.75 -1.28 -27.38
F1 AF3 G . 18.86 -0.91 -26.15
F2 AF3 G . 17.47 -0.16 -28.61
F3 AF3 G . 16.98 -2.79 -27.39
MG MG H . 19.32 -0.06 -24.42
AL AF3 I . -1.20 18.38 7.63
F1 AF3 I . 0.30 17.83 8.22
F2 AF3 I . -1.31 19.97 7.06
F3 AF3 I . -2.53 17.35 7.64
MG MG J . 0.77 15.79 8.02
AL AF3 K . -9.43 -0.29 30.99
F1 AF3 K . -7.95 -1.08 31.03
F2 AF3 K . -9.54 1.34 30.49
F3 AF3 K . -10.78 -1.14 31.51
MG MG L . -7.02 -2.16 29.82
#